data_2J7B
#
_entry.id   2J7B
#
_cell.length_a   94.069
_cell.length_b   94.164
_cell.length_c   112.978
_cell.angle_alpha   90.00
_cell.angle_beta   90.00
_cell.angle_gamma   90.00
#
_symmetry.space_group_name_H-M   'P 21 21 21'
#
loop_
_entity.id
_entity.type
_entity.pdbx_description
1 polymer 'BETA-GLUCOSIDASE A'
2 non-polymer 'NOJIRIMYCINE TETRAZOLE'
3 non-polymer 'ACETATE ION'
4 non-polymer 'CALCIUM ION'
5 water water
#
_entity_poly.entity_id   1
_entity_poly.type   'polypeptide(L)'
_entity_poly.pdbx_seq_one_letter_code
;MGSSHHHHHHSSGLVPRGSHMASNVKKFPEGFLWGVATASYQIEGSPLADGAGMSIWHTFSHTPGNVKNGDTGDVACDHY
NRWKEDIEIIEKLGVKAYRFSISWPRILPEGTGRVNQKGLDFYNRIIDTLLEKGITPFVTIYHWDLPFALQLKGGWANRE
IADWFAEYSRVLFENFGDRVKNWITLNEPWVVAIVGHLYGVHAPGMRDIYVAFRAVHNLLRAHARAVKVFRETVKDGKIG
IVFNNGYFEPASEKEEDIRAVRFMHQFNNYPLFLNPIYRGDYPELVLEFAREYLPENYKDDMSEIQEKIDFVGLNYYSGH
LVKFDPDAPAKVSFVERDLPKTAMGWEIVPEGIYWILKKVKEEYNPPEVYITENGAAFDDVVSEDGRVHDQNRIDYLKAH
IGQAWKAIQEGVPLKGYFVWSLLDNFEWAEGYSKRFGIVYVDYSTQKRIVKDSGYWYSNVVKNNGLED
;
_entity_poly.pdbx_strand_id   A,B
#
# COMPACT_ATOMS: atom_id res chain seq x y z
N VAL A 25 22.96 46.27 1.35
CA VAL A 25 23.29 44.98 0.65
C VAL A 25 23.38 43.82 1.66
N LYS A 26 23.19 42.60 1.17
CA LYS A 26 23.36 41.42 2.00
C LYS A 26 24.29 40.44 1.31
N LYS A 27 25.57 40.52 1.65
CA LYS A 27 26.58 39.65 1.07
C LYS A 27 26.74 38.38 1.92
N PHE A 28 26.81 37.26 1.23
CA PHE A 28 26.99 35.96 1.89
C PHE A 28 28.50 35.66 2.10
N PRO A 29 28.82 34.63 2.92
CA PRO A 29 30.24 34.31 3.12
C PRO A 29 30.96 33.95 1.83
N GLU A 30 32.29 34.13 1.83
CA GLU A 30 33.11 33.75 0.70
C GLU A 30 33.00 32.24 0.45
N GLY A 31 32.82 31.86 -0.81
CA GLY A 31 32.67 30.44 -1.18
C GLY A 31 31.31 29.81 -0.88
N PHE A 32 30.33 30.63 -0.44
CA PHE A 32 28.95 30.17 -0.22
C PHE A 32 28.43 29.51 -1.50
N LEU A 33 27.76 28.36 -1.35
CA LEU A 33 27.39 27.55 -2.50
C LEU A 33 25.94 27.81 -2.93
N TRP A 34 25.76 28.62 -3.97
CA TRP A 34 24.44 28.86 -4.53
C TRP A 34 24.12 27.77 -5.54
N GLY A 35 22.96 27.13 -5.39
CA GLY A 35 22.62 25.99 -6.24
C GLY A 35 21.19 26.00 -6.72
N VAL A 36 20.91 25.01 -7.58
CA VAL A 36 19.54 24.65 -7.97
C VAL A 36 19.41 23.14 -7.78
N ALA A 37 18.18 22.68 -7.64
CA ALA A 37 17.93 21.28 -7.34
C ALA A 37 16.83 20.68 -8.24
N THR A 38 16.98 19.38 -8.53
CA THR A 38 16.01 18.57 -9.26
C THR A 38 16.01 17.17 -8.62
N ALA A 39 15.17 16.27 -9.16
CA ALA A 39 15.13 14.85 -8.76
C ALA A 39 14.85 14.05 -10.03
N SER A 40 15.40 12.85 -10.08
CA SER A 40 15.45 12.00 -11.27
C SER A 40 14.09 11.73 -11.88
N TYR A 41 13.14 11.23 -11.07
CA TYR A 41 11.83 10.87 -11.64
C TYR A 41 11.07 12.14 -12.10
N GLN A 42 11.32 13.26 -11.43
CA GLN A 42 10.59 14.47 -11.78
C GLN A 42 11.00 15.07 -13.12
N ILE A 43 12.24 14.86 -13.54
CA ILE A 43 12.75 15.53 -14.76
C ILE A 43 13.19 14.61 -15.91
N GLU A 44 13.62 13.38 -15.62
CA GLU A 44 14.33 12.60 -16.62
C GLU A 44 13.47 12.10 -17.80
N GLY A 45 12.27 11.59 -17.50
CA GLY A 45 11.56 10.75 -18.47
C GLY A 45 12.35 9.48 -18.80
N SER A 46 11.88 8.75 -19.82
CA SER A 46 12.55 7.53 -20.27
C SER A 46 12.83 6.55 -19.12
N PRO A 47 11.81 6.27 -18.26
CA PRO A 47 12.08 5.51 -17.03
C PRO A 47 12.56 4.10 -17.32
N LEU A 48 12.23 3.57 -18.49
CA LEU A 48 12.62 2.18 -18.81
C LEU A 48 13.71 2.10 -19.90
N ALA A 49 14.30 3.23 -20.25
CA ALA A 49 15.37 3.27 -21.25
C ALA A 49 16.63 2.57 -20.77
N ASP A 50 17.38 2.01 -21.72
CA ASP A 50 18.72 1.44 -21.46
C ASP A 50 18.80 0.47 -20.28
N GLY A 51 17.83 -0.43 -20.18
CA GLY A 51 17.89 -1.53 -19.21
C GLY A 51 17.46 -1.20 -17.79
N ALA A 52 16.96 0.01 -17.57
CA ALA A 52 16.51 0.44 -16.25
C ALA A 52 15.34 -0.46 -15.81
N GLY A 53 15.31 -0.80 -14.52
CA GLY A 53 14.11 -1.48 -13.96
C GLY A 53 13.02 -0.47 -13.63
N MET A 54 11.78 -0.94 -13.47
CA MET A 54 10.69 -0.06 -13.06
C MET A 54 10.94 0.47 -11.64
N SER A 55 10.47 1.68 -11.36
CA SER A 55 10.46 2.17 -9.97
C SER A 55 9.01 2.14 -9.46
N ILE A 56 8.86 2.33 -8.15
CA ILE A 56 7.55 2.44 -7.55
C ILE A 56 6.79 3.66 -8.02
N TRP A 57 7.51 4.70 -8.47
CA TRP A 57 6.81 5.86 -9.05
C TRP A 57 6.29 5.59 -10.45
N HIS A 58 7.00 4.76 -11.22
CA HIS A 58 6.47 4.28 -12.49
C HIS A 58 5.13 3.55 -12.29
N THR A 59 5.13 2.56 -11.41
CA THR A 59 3.94 1.71 -11.21
C THR A 59 2.82 2.48 -10.51
N PHE A 60 3.16 3.34 -9.55
CA PHE A 60 2.18 4.19 -8.87
C PHE A 60 1.47 5.18 -9.82
N SER A 61 2.26 5.87 -10.64
CA SER A 61 1.67 6.87 -11.56
C SER A 61 0.92 6.17 -12.71
N HIS A 62 1.32 4.96 -13.05
CA HIS A 62 0.58 4.16 -14.06
C HIS A 62 -0.69 3.50 -13.54
N THR A 63 -0.95 3.70 -12.26
CA THR A 63 -2.17 3.20 -11.63
C THR A 63 -3.20 4.33 -11.67
N PRO A 64 -4.34 4.12 -12.36
CA PRO A 64 -5.38 5.15 -12.46
C PRO A 64 -5.82 5.67 -11.10
N GLY A 65 -5.93 6.99 -10.99
CA GLY A 65 -6.46 7.61 -9.81
C GLY A 65 -5.41 8.15 -8.86
N ASN A 66 -4.15 7.75 -9.02
CA ASN A 66 -3.11 8.17 -8.08
C ASN A 66 -2.47 9.54 -8.33
N VAL A 67 -2.45 9.96 -9.59
CA VAL A 67 -1.83 11.24 -9.99
C VAL A 67 -2.83 12.05 -10.80
N LYS A 68 -2.87 13.36 -10.50
CA LYS A 68 -3.77 14.27 -11.19
CA LYS A 68 -3.76 14.29 -11.20
C LYS A 68 -3.61 14.16 -12.71
N ASN A 69 -4.76 14.15 -13.41
CA ASN A 69 -4.81 14.11 -14.88
CA ASN A 69 -4.79 14.13 -14.87
C ASN A 69 -4.19 12.85 -15.48
N GLY A 70 -3.90 11.87 -14.62
CA GLY A 70 -3.27 10.64 -15.11
C GLY A 70 -1.83 10.89 -15.56
N ASP A 71 -1.22 11.95 -15.04
CA ASP A 71 0.13 12.28 -15.48
C ASP A 71 1.11 11.25 -14.95
N THR A 72 2.22 11.03 -15.67
CA THR A 72 3.28 10.12 -15.24
C THR A 72 4.64 10.73 -15.54
N GLY A 73 5.69 10.05 -15.09
CA GLY A 73 7.05 10.50 -15.41
C GLY A 73 7.65 9.87 -16.65
N ASP A 74 6.80 9.37 -17.54
CA ASP A 74 7.28 8.75 -18.78
C ASP A 74 8.14 9.67 -19.64
N VAL A 75 7.76 10.94 -19.73
CA VAL A 75 8.52 11.90 -20.50
C VAL A 75 9.10 13.03 -19.66
N ALA A 76 8.26 13.62 -18.82
CA ALA A 76 8.66 14.72 -17.92
C ALA A 76 9.33 15.84 -18.72
N CYS A 77 10.53 16.24 -18.31
CA CYS A 77 11.30 17.29 -19.00
C CYS A 77 12.24 16.70 -20.07
N ASP A 78 12.14 15.39 -20.30
CA ASP A 78 13.05 14.70 -21.22
C ASP A 78 14.54 14.96 -20.91
N HIS A 79 14.86 15.14 -19.62
CA HIS A 79 16.23 15.41 -19.21
C HIS A 79 17.15 14.24 -19.53
N TYR A 80 16.57 13.04 -19.64
CA TYR A 80 17.35 11.87 -20.02
C TYR A 80 18.05 12.11 -21.37
N ASN A 81 17.42 12.90 -22.23
CA ASN A 81 18.03 13.28 -23.52
C ASN A 81 18.60 14.70 -23.56
N ARG A 82 18.02 15.59 -22.77
CA ARG A 82 18.34 17.02 -22.82
C ARG A 82 19.29 17.50 -21.72
N TRP A 83 19.87 16.55 -20.99
CA TRP A 83 20.75 16.82 -19.84
C TRP A 83 21.86 17.84 -20.14
N LYS A 84 22.47 17.77 -21.33
CA LYS A 84 23.60 18.67 -21.65
C LYS A 84 23.11 20.10 -21.77
N GLU A 85 22.00 20.31 -22.47
CA GLU A 85 21.38 21.63 -22.60
C GLU A 85 21.03 22.20 -21.22
N ASP A 86 20.40 21.37 -20.39
CA ASP A 86 20.03 21.78 -19.02
C ASP A 86 21.23 22.21 -18.17
N ILE A 87 22.33 21.46 -18.23
CA ILE A 87 23.55 21.82 -17.48
C ILE A 87 24.12 23.13 -18.08
N GLU A 88 24.12 23.25 -19.41
CA GLU A 88 24.48 24.51 -20.07
C GLU A 88 23.67 25.71 -19.58
N ILE A 89 22.39 25.50 -19.26
CA ILE A 89 21.59 26.55 -18.62
C ILE A 89 22.11 26.91 -17.23
N ILE A 90 22.42 25.88 -16.40
CA ILE A 90 23.01 26.10 -15.06
C ILE A 90 24.30 26.93 -15.18
N GLU A 91 25.17 26.50 -16.08
CA GLU A 91 26.43 27.21 -16.39
C GLU A 91 26.19 28.67 -16.79
N LYS A 92 25.29 28.88 -17.76
CA LYS A 92 24.99 30.24 -18.27
CA LYS A 92 25.00 30.25 -18.25
C LYS A 92 24.45 31.15 -17.16
N LEU A 93 23.69 30.58 -16.23
CA LEU A 93 23.16 31.34 -15.09
C LEU A 93 24.21 31.61 -14.00
N GLY A 94 25.35 30.93 -14.13
CA GLY A 94 26.45 31.14 -13.17
C GLY A 94 26.22 30.43 -11.85
N VAL A 95 25.22 29.54 -11.82
CA VAL A 95 24.89 28.81 -10.60
C VAL A 95 26.04 27.85 -10.25
N LYS A 96 26.37 27.78 -8.96
CA LYS A 96 27.62 27.14 -8.57
C LYS A 96 27.55 25.68 -8.17
N ALA A 97 26.34 25.24 -7.83
CA ALA A 97 26.12 23.87 -7.38
C ALA A 97 24.83 23.33 -8.02
N TYR A 98 24.81 22.03 -8.30
CA TYR A 98 23.63 21.37 -8.81
C TYR A 98 23.35 20.13 -7.96
N ARG A 99 22.22 20.18 -7.24
CA ARG A 99 21.75 19.01 -6.53
C ARG A 99 20.80 18.21 -7.42
N PHE A 100 21.15 16.96 -7.66
CA PHE A 100 20.32 16.10 -8.48
C PHE A 100 20.27 14.74 -7.83
N SER A 101 19.29 13.93 -8.18
CA SER A 101 19.30 12.58 -7.62
C SER A 101 19.56 11.51 -8.65
N ILE A 102 19.97 10.35 -8.15
CA ILE A 102 20.21 9.18 -8.97
C ILE A 102 19.03 8.21 -8.85
N SER A 103 18.54 7.73 -10.00
CA SER A 103 17.53 6.69 -10.03
C SER A 103 18.13 5.31 -9.70
N TRP A 104 17.82 4.81 -8.51
CA TRP A 104 18.26 3.48 -8.09
C TRP A 104 18.03 2.39 -9.15
N PRO A 105 16.78 2.27 -9.69
CA PRO A 105 16.64 1.18 -10.67
C PRO A 105 17.29 1.39 -12.02
N ARG A 106 17.81 2.59 -12.31
CA ARG A 106 18.70 2.70 -13.49
C ARG A 106 20.04 2.02 -13.23
N ILE A 107 20.44 1.94 -11.97
CA ILE A 107 21.77 1.52 -11.60
C ILE A 107 21.73 0.04 -11.26
N LEU A 108 20.75 -0.38 -10.45
CA LEU A 108 20.54 -1.79 -10.16
C LEU A 108 19.08 -2.09 -10.47
N PRO A 109 18.82 -2.59 -11.68
CA PRO A 109 17.43 -2.77 -12.13
C PRO A 109 16.54 -3.65 -11.25
N GLU A 110 17.14 -4.62 -10.54
CA GLU A 110 16.42 -5.46 -9.58
C GLU A 110 16.65 -4.99 -8.14
N GLY A 111 17.23 -3.80 -8.00
CA GLY A 111 17.47 -3.21 -6.68
C GLY A 111 18.78 -3.66 -6.03
N THR A 112 19.06 -4.95 -6.12
CA THR A 112 20.36 -5.51 -5.66
C THR A 112 20.90 -6.40 -6.75
N GLY A 113 22.18 -6.77 -6.65
CA GLY A 113 22.73 -7.70 -7.62
C GLY A 113 23.30 -6.96 -8.83
N ARG A 114 22.66 -7.18 -9.98
CA ARG A 114 23.17 -6.71 -11.26
C ARG A 114 23.30 -5.19 -11.31
N VAL A 115 24.48 -4.71 -11.74
CA VAL A 115 24.70 -3.28 -11.99
C VAL A 115 24.61 -3.00 -13.50
N ASN A 116 23.79 -2.01 -13.86
CA ASN A 116 23.55 -1.57 -15.25
C ASN A 116 24.55 -0.46 -15.67
N GLN A 117 25.54 -0.81 -16.50
CA GLN A 117 26.56 0.18 -16.91
C GLN A 117 25.99 1.37 -17.66
N LYS A 118 24.91 1.17 -18.42
CA LYS A 118 24.30 2.30 -19.13
C LYS A 118 23.68 3.33 -18.17
N GLY A 119 23.23 2.86 -17.01
CA GLY A 119 22.67 3.74 -16.00
C GLY A 119 23.80 4.54 -15.38
N LEU A 120 24.88 3.84 -15.04
CA LEU A 120 26.09 4.54 -14.55
C LEU A 120 26.62 5.58 -15.55
N ASP A 121 26.71 5.19 -16.83
CA ASP A 121 27.13 6.06 -17.95
C ASP A 121 26.31 7.37 -18.00
N PHE A 122 24.99 7.28 -17.84
CA PHE A 122 24.11 8.47 -17.85
C PHE A 122 24.56 9.51 -16.82
N TYR A 123 24.77 9.06 -15.58
CA TYR A 123 25.20 9.98 -14.53
C TYR A 123 26.68 10.37 -14.61
N ASN A 124 27.51 9.44 -15.08
CA ASN A 124 28.92 9.75 -15.33
C ASN A 124 29.08 10.97 -16.26
N ARG A 125 28.29 11.03 -17.33
CA ARG A 125 28.34 12.17 -18.27
C ARG A 125 27.89 13.48 -17.63
N ILE A 126 26.83 13.41 -16.84
CA ILE A 126 26.35 14.56 -16.08
C ILE A 126 27.43 15.07 -15.11
N ILE A 127 27.98 14.16 -14.33
CA ILE A 127 29.02 14.51 -13.32
C ILE A 127 30.26 15.14 -14.00
N ASP A 128 30.74 14.52 -15.05
CA ASP A 128 31.96 15.00 -15.74
C ASP A 128 31.72 16.39 -16.38
N THR A 129 30.54 16.56 -16.95
CA THR A 129 30.14 17.81 -17.56
C THR A 129 30.08 18.93 -16.51
N LEU A 130 29.47 18.63 -15.35
CA LEU A 130 29.39 19.60 -14.26
C LEU A 130 30.79 20.04 -13.82
N LEU A 131 31.67 19.05 -13.62
CA LEU A 131 33.05 19.31 -13.18
C LEU A 131 33.84 20.13 -14.21
N GLU A 132 33.72 19.78 -15.48
CA GLU A 132 34.39 20.52 -16.55
CA GLU A 132 34.41 20.54 -16.53
C GLU A 132 33.96 21.99 -16.54
N LYS A 133 32.72 22.24 -16.13
CA LYS A 133 32.11 23.57 -16.12
C LYS A 133 32.21 24.30 -14.77
N GLY A 134 32.88 23.68 -13.80
CA GLY A 134 33.08 24.30 -12.49
C GLY A 134 31.82 24.40 -11.64
N ILE A 135 30.89 23.45 -11.82
CA ILE A 135 29.65 23.38 -11.01
C ILE A 135 29.81 22.19 -10.06
N THR A 136 29.54 22.42 -8.78
CA THR A 136 29.73 21.38 -7.75
C THR A 136 28.52 20.42 -7.73
N PRO A 137 28.73 19.11 -7.98
CA PRO A 137 27.57 18.22 -7.87
C PRO A 137 27.26 17.85 -6.42
N PHE A 138 25.99 17.95 -6.04
CA PHE A 138 25.49 17.38 -4.79
C PHE A 138 24.57 16.24 -5.15
N VAL A 139 24.93 15.02 -4.81
CA VAL A 139 24.13 13.88 -5.26
C VAL A 139 23.18 13.38 -4.16
N THR A 140 21.87 13.35 -4.47
CA THR A 140 20.88 12.71 -3.61
C THR A 140 20.76 11.24 -4.02
N ILE A 141 21.16 10.34 -3.13
CA ILE A 141 21.17 8.91 -3.44
C ILE A 141 19.74 8.39 -3.65
N TYR A 142 18.84 8.84 -2.78
CA TYR A 142 17.44 8.42 -2.85
C TYR A 142 16.46 9.57 -2.78
N HIS A 143 15.78 9.82 -3.89
CA HIS A 143 14.73 10.81 -3.94
C HIS A 143 13.46 10.14 -4.45
N TRP A 144 13.16 8.96 -3.87
CA TRP A 144 11.80 8.37 -3.80
C TRP A 144 11.47 7.31 -4.86
N ASP A 145 12.32 7.18 -5.87
CA ASP A 145 12.11 6.19 -6.95
C ASP A 145 12.74 4.81 -6.61
N LEU A 146 12.21 4.20 -5.56
CA LEU A 146 12.65 2.87 -5.13
C LEU A 146 12.48 1.88 -6.31
N PRO A 147 13.46 0.97 -6.51
CA PRO A 147 13.19 -0.12 -7.45
C PRO A 147 11.89 -0.88 -7.11
N PHE A 148 11.08 -1.08 -8.13
CA PHE A 148 9.84 -1.87 -7.96
C PHE A 148 10.12 -3.25 -7.40
N ALA A 149 11.21 -3.87 -7.85
CA ALA A 149 11.62 -5.21 -7.40
C ALA A 149 11.78 -5.29 -5.87
N LEU A 150 12.24 -4.20 -5.26
CA LEU A 150 12.42 -4.19 -3.81
C LEU A 150 11.09 -3.94 -3.11
N GLN A 151 10.19 -3.21 -3.76
CA GLN A 151 8.84 -3.01 -3.20
C GLN A 151 8.07 -4.33 -3.08
N LEU A 152 8.27 -5.23 -4.04
CA LEU A 152 7.70 -6.60 -3.99
C LEU A 152 8.17 -7.37 -2.76
N LYS A 153 9.35 -6.99 -2.24
CA LYS A 153 9.93 -7.59 -1.04
CA LYS A 153 9.94 -7.59 -1.05
C LYS A 153 9.67 -6.75 0.22
N GLY A 154 8.73 -5.82 0.11
CA GLY A 154 8.26 -4.96 1.24
C GLY A 154 8.85 -3.55 1.24
N GLY A 155 9.85 -3.31 0.39
CA GLY A 155 10.44 -1.96 0.27
C GLY A 155 10.90 -1.45 1.64
N TRP A 156 10.54 -0.21 1.99
CA TRP A 156 11.02 0.42 3.26
C TRP A 156 10.46 -0.27 4.53
N ALA A 157 9.44 -1.11 4.38
CA ALA A 157 8.91 -1.88 5.51
C ALA A 157 9.83 -3.03 5.93
N ASN A 158 10.71 -3.47 5.02
CA ASN A 158 11.56 -4.65 5.28
C ASN A 158 12.92 -4.24 5.89
N ARG A 159 13.28 -4.79 7.04
CA ARG A 159 14.57 -4.47 7.69
C ARG A 159 15.73 -4.67 6.77
N GLU A 160 15.63 -5.64 5.86
CA GLU A 160 16.71 -5.92 4.92
CA GLU A 160 16.69 -5.92 4.89
C GLU A 160 17.03 -4.74 3.97
N ILE A 161 16.15 -3.74 3.89
CA ILE A 161 16.47 -2.58 3.06
C ILE A 161 17.76 -1.85 3.51
N ALA A 162 18.09 -1.93 4.81
CA ALA A 162 19.37 -1.36 5.28
C ALA A 162 20.53 -1.97 4.49
N ASP A 163 20.47 -3.28 4.26
CA ASP A 163 21.49 -3.96 3.43
C ASP A 163 21.39 -3.56 1.97
N TRP A 164 20.18 -3.59 1.40
CA TRP A 164 20.01 -3.26 -0.03
C TRP A 164 20.50 -1.84 -0.30
N PHE A 165 20.10 -0.90 0.57
CA PHE A 165 20.48 0.49 0.41
C PHE A 165 21.99 0.67 0.58
N ALA A 166 22.57 -0.05 1.54
CA ALA A 166 24.05 0.00 1.72
C ALA A 166 24.77 -0.48 0.45
N GLU A 167 24.27 -1.54 -0.18
CA GLU A 167 24.89 -2.12 -1.39
CA GLU A 167 24.90 -2.11 -1.38
C GLU A 167 24.79 -1.14 -2.57
N TYR A 168 23.61 -0.53 -2.71
CA TYR A 168 23.37 0.50 -3.74
C TYR A 168 24.30 1.72 -3.54
N SER A 169 24.31 2.25 -2.32
CA SER A 169 25.19 3.37 -1.97
C SER A 169 26.65 3.02 -2.28
N ARG A 170 27.09 1.82 -1.94
CA ARG A 170 28.48 1.40 -2.20
CA ARG A 170 28.49 1.46 -2.20
C ARG A 170 28.84 1.43 -3.69
N VAL A 171 27.91 1.00 -4.54
CA VAL A 171 28.09 1.07 -5.99
C VAL A 171 28.31 2.52 -6.44
N LEU A 172 27.48 3.42 -5.93
CA LEU A 172 27.58 4.83 -6.29
C LEU A 172 28.94 5.40 -5.84
N PHE A 173 29.29 5.09 -4.60
CA PHE A 173 30.55 5.58 -4.02
C PHE A 173 31.75 5.07 -4.82
N GLU A 174 31.73 3.78 -5.16
CA GLU A 174 32.83 3.17 -5.91
CA GLU A 174 32.85 3.20 -5.89
C GLU A 174 32.96 3.77 -7.30
N ASN A 175 31.82 4.03 -7.94
CA ASN A 175 31.83 4.57 -9.29
C ASN A 175 32.00 6.06 -9.44
N PHE A 176 31.47 6.83 -8.48
CA PHE A 176 31.41 8.30 -8.61
C PHE A 176 32.20 9.07 -7.54
N GLY A 177 32.59 8.38 -6.46
CA GLY A 177 33.18 9.04 -5.30
C GLY A 177 34.55 9.67 -5.55
N ASP A 178 35.18 9.31 -6.67
CA ASP A 178 36.43 9.94 -7.10
C ASP A 178 36.18 11.38 -7.52
N ARG A 179 34.95 11.67 -7.96
CA ARG A 179 34.60 12.99 -8.49
C ARG A 179 33.54 13.72 -7.68
N VAL A 180 32.52 13.00 -7.22
CA VAL A 180 31.48 13.60 -6.38
C VAL A 180 31.94 13.50 -4.93
N LYS A 181 31.96 14.64 -4.26
CA LYS A 181 32.49 14.70 -2.90
C LYS A 181 31.44 15.15 -1.90
N ASN A 182 30.21 15.39 -2.37
CA ASN A 182 29.11 15.85 -1.52
C ASN A 182 27.88 14.98 -1.78
N TRP A 183 27.46 14.21 -0.77
CA TRP A 183 26.42 13.20 -0.90
C TRP A 183 25.30 13.40 0.10
N ILE A 184 24.07 13.03 -0.31
CA ILE A 184 22.89 13.08 0.56
C ILE A 184 22.32 11.65 0.49
N THR A 185 22.12 10.99 1.63
CA THR A 185 21.56 9.63 1.61
C THR A 185 20.08 9.65 1.17
N LEU A 186 19.26 10.39 1.91
CA LEU A 186 17.81 10.39 1.74
C LEU A 186 17.25 11.79 1.60
N ASN A 187 16.35 11.96 0.63
CA ASN A 187 15.48 13.14 0.59
C ASN A 187 14.20 12.90 1.40
N GLU A 188 14.04 13.65 2.49
CA GLU A 188 12.75 13.72 3.22
C GLU A 188 12.21 12.35 3.63
N PRO A 189 12.94 11.65 4.51
CA PRO A 189 12.45 10.34 4.94
C PRO A 189 11.07 10.42 5.62
N TRP A 190 10.69 11.56 6.20
CA TRP A 190 9.33 11.68 6.78
C TRP A 190 8.28 11.47 5.69
N VAL A 191 8.49 12.11 4.55
CA VAL A 191 7.58 12.01 3.42
C VAL A 191 7.54 10.58 2.89
N VAL A 192 8.73 10.01 2.68
CA VAL A 192 8.82 8.61 2.18
C VAL A 192 7.99 7.69 3.08
N ALA A 193 8.19 7.81 4.38
CA ALA A 193 7.47 6.95 5.33
C ALA A 193 5.99 7.33 5.41
N ILE A 194 5.70 8.58 5.76
CA ILE A 194 4.32 8.92 6.14
C ILE A 194 3.43 9.17 4.94
N VAL A 195 3.92 9.94 3.98
CA VAL A 195 3.08 10.24 2.84
C VAL A 195 2.95 8.99 1.96
N GLY A 196 4.00 8.17 1.89
CA GLY A 196 3.98 6.94 1.05
C GLY A 196 3.28 5.76 1.71
N HIS A 197 3.31 5.67 3.04
CA HIS A 197 2.84 4.45 3.73
C HIS A 197 1.74 4.67 4.78
N LEU A 198 1.43 5.93 5.10
CA LEU A 198 0.30 6.23 5.99
C LEU A 198 -0.81 6.94 5.25
N TYR A 199 -0.44 8.03 4.57
CA TYR A 199 -1.43 8.81 3.82
C TYR A 199 -1.75 8.13 2.50
N GLY A 200 -0.79 7.38 1.96
CA GLY A 200 -1.01 6.66 0.70
C GLY A 200 -1.09 7.56 -0.53
N VAL A 201 -0.65 8.80 -0.38
CA VAL A 201 -0.73 9.79 -1.44
C VAL A 201 0.46 9.69 -2.40
N HIS A 202 1.56 9.15 -1.90
CA HIS A 202 2.76 8.92 -2.70
C HIS A 202 3.01 7.43 -2.77
N ALA A 203 3.80 7.01 -3.75
CA ALA A 203 4.24 5.62 -3.84
C ALA A 203 4.90 5.17 -2.51
N PRO A 204 4.70 3.90 -2.11
CA PRO A 204 3.93 2.86 -2.82
C PRO A 204 2.40 2.92 -2.57
N GLY A 205 1.93 4.00 -1.97
CA GLY A 205 0.49 4.24 -1.85
C GLY A 205 -0.23 3.39 -0.83
N MET A 206 0.41 3.20 0.33
CA MET A 206 -0.14 2.40 1.43
CA MET A 206 -0.20 2.42 1.42
C MET A 206 -0.74 3.28 2.55
N ARG A 207 -1.66 2.70 3.32
CA ARG A 207 -2.27 3.35 4.48
CA ARG A 207 -2.26 3.35 4.49
C ARG A 207 -2.24 2.42 5.69
N ASP A 208 -1.08 2.32 6.33
CA ASP A 208 -0.91 1.47 7.50
C ASP A 208 0.09 2.14 8.40
N ILE A 209 -0.38 2.57 9.58
CA ILE A 209 0.46 3.34 10.50
C ILE A 209 1.64 2.54 11.09
N TYR A 210 1.49 1.21 11.25
CA TYR A 210 2.55 0.36 11.73
C TYR A 210 3.64 0.21 10.67
N VAL A 211 3.23 0.00 9.43
CA VAL A 211 4.19 -0.01 8.32
C VAL A 211 4.92 1.35 8.22
N ALA A 212 4.16 2.45 8.33
CA ALA A 212 4.75 3.78 8.20
C ALA A 212 5.85 4.01 9.23
N PHE A 213 5.63 3.60 10.49
CA PHE A 213 6.67 3.78 11.51
C PHE A 213 7.82 2.79 11.40
N ARG A 214 7.54 1.62 10.84
CA ARG A 214 8.66 0.74 10.48
C ARG A 214 9.52 1.32 9.36
N ALA A 215 8.88 2.03 8.42
CA ALA A 215 9.61 2.68 7.35
C ALA A 215 10.49 3.80 7.92
N VAL A 216 9.93 4.62 8.81
CA VAL A 216 10.76 5.61 9.54
C VAL A 216 12.04 4.98 10.05
N HIS A 217 11.88 3.91 10.82
CA HIS A 217 13.00 3.28 11.49
C HIS A 217 14.00 2.69 10.48
N ASN A 218 13.49 2.02 9.44
CA ASN A 218 14.40 1.42 8.47
C ASN A 218 15.12 2.46 7.62
N LEU A 219 14.45 3.58 7.37
CA LEU A 219 15.08 4.73 6.67
C LEU A 219 16.30 5.20 7.47
N LEU A 220 16.15 5.35 8.80
CA LEU A 220 17.31 5.68 9.64
C LEU A 220 18.42 4.62 9.59
N ARG A 221 18.05 3.35 9.69
CA ARG A 221 19.03 2.25 9.65
C ARG A 221 19.76 2.21 8.33
N ALA A 222 19.01 2.39 7.24
CA ALA A 222 19.61 2.38 5.90
C ALA A 222 20.54 3.60 5.71
N HIS A 223 20.06 4.78 6.09
CA HIS A 223 20.91 6.00 6.07
C HIS A 223 22.23 5.73 6.83
N ALA A 224 22.14 5.15 8.02
CA ALA A 224 23.35 4.93 8.81
C ALA A 224 24.31 3.91 8.20
N ARG A 225 23.78 2.83 7.60
CA ARG A 225 24.65 1.84 6.95
CA ARG A 225 24.62 1.83 6.92
C ARG A 225 25.36 2.46 5.74
N ALA A 226 24.65 3.33 5.01
CA ALA A 226 25.23 4.02 3.87
C ALA A 226 26.36 4.97 4.32
N VAL A 227 26.13 5.74 5.39
CA VAL A 227 27.23 6.56 5.93
C VAL A 227 28.44 5.69 6.31
N LYS A 228 28.19 4.56 6.98
CA LYS A 228 29.24 3.61 7.35
C LYS A 228 30.05 3.15 6.15
N VAL A 229 29.36 2.78 5.07
CA VAL A 229 30.02 2.35 3.84
C VAL A 229 30.82 3.51 3.25
N PHE A 230 30.24 4.71 3.32
CA PHE A 230 30.89 5.93 2.81
C PHE A 230 32.29 6.13 3.42
N ARG A 231 32.37 6.01 4.75
CA ARG A 231 33.68 6.17 5.45
C ARG A 231 34.75 5.18 4.99
N GLU A 232 34.32 4.02 4.52
CA GLU A 232 35.20 2.95 4.05
C GLU A 232 35.59 3.11 2.58
N THR A 233 34.81 3.88 1.82
CA THR A 233 34.96 3.93 0.37
CA THR A 233 34.91 3.93 0.36
C THR A 233 35.37 5.29 -0.19
N VAL A 234 34.92 6.36 0.43
CA VAL A 234 35.20 7.73 -0.06
C VAL A 234 35.79 8.51 1.10
N LYS A 235 37.05 8.20 1.40
CA LYS A 235 37.72 8.78 2.57
CA LYS A 235 37.74 8.77 2.56
C LYS A 235 37.91 10.30 2.51
N ASP A 236 37.68 10.89 1.33
CA ASP A 236 37.84 12.35 1.18
CA ASP A 236 37.84 12.32 1.05
C ASP A 236 36.56 13.20 0.99
N GLY A 237 35.38 12.60 0.95
CA GLY A 237 34.17 13.44 0.79
C GLY A 237 33.32 13.69 2.03
N LYS A 238 32.14 14.30 1.84
CA LYS A 238 31.19 14.62 2.92
C LYS A 238 29.80 14.08 2.62
N ILE A 239 29.10 13.62 3.65
CA ILE A 239 27.77 13.02 3.49
C ILE A 239 26.80 13.53 4.56
N GLY A 240 25.55 13.73 4.15
CA GLY A 240 24.50 14.17 5.04
C GLY A 240 23.16 13.61 4.60
N ILE A 241 22.11 14.29 4.99
CA ILE A 241 20.74 13.79 4.86
C ILE A 241 19.84 15.02 4.86
N VAL A 242 18.71 14.92 4.15
CA VAL A 242 17.84 16.07 3.90
C VAL A 242 16.46 15.86 4.51
N PHE A 243 15.94 16.89 5.18
CA PHE A 243 14.59 16.82 5.83
C PHE A 243 13.67 17.91 5.35
N ASN A 244 12.38 17.59 5.18
CA ASN A 244 11.34 18.59 5.01
C ASN A 244 11.09 19.25 6.37
N ASN A 245 10.68 20.51 6.32
CA ASN A 245 10.40 21.26 7.55
C ASN A 245 9.37 22.28 7.23
N GLY A 246 8.47 22.50 8.19
CA GLY A 246 7.51 23.60 8.15
C GLY A 246 7.63 24.46 9.39
N TYR A 247 7.11 25.68 9.31
CA TYR A 247 7.11 26.59 10.47
C TYR A 247 5.74 26.57 11.12
N PHE A 248 5.65 25.87 12.23
CA PHE A 248 4.38 25.72 12.90
C PHE A 248 4.26 26.74 14.02
N GLU A 249 3.15 27.48 13.95
CA GLU A 249 2.79 28.48 14.96
C GLU A 249 1.49 28.09 15.67
N PRO A 250 1.39 28.40 16.98
CA PRO A 250 0.18 28.04 17.70
C PRO A 250 -0.95 29.04 17.40
N ALA A 251 -2.17 28.52 17.30
CA ALA A 251 -3.34 29.30 16.95
C ALA A 251 -3.77 30.27 18.07
N SER A 252 -2.95 30.35 19.13
CA SER A 252 -3.28 31.05 20.37
C SER A 252 -2.23 30.74 21.44
N GLU A 253 -2.64 30.96 22.68
CA GLU A 253 -2.01 30.36 23.85
C GLU A 253 -3.02 29.32 24.36
N ILE A 258 -0.02 24.77 21.83
CA ILE A 258 1.38 25.12 21.99
C ILE A 258 2.21 23.83 21.94
N ARG A 259 1.66 22.79 22.56
CA ARG A 259 2.22 21.45 22.56
C ARG A 259 1.93 20.75 21.23
N ALA A 260 0.80 21.11 20.61
CA ALA A 260 0.48 20.60 19.27
C ALA A 260 1.55 21.09 18.30
N VAL A 261 2.05 22.30 18.54
CA VAL A 261 3.17 22.85 17.77
C VAL A 261 4.47 22.09 18.09
N ARG A 262 4.71 21.81 19.37
CA ARG A 262 5.88 21.03 19.82
CA ARG A 262 5.90 21.04 19.77
C ARG A 262 5.83 19.66 19.13
N PHE A 263 4.64 19.08 19.07
CA PHE A 263 4.48 17.77 18.42
C PHE A 263 4.77 17.84 16.91
N MET A 264 4.27 18.87 16.25
CA MET A 264 4.46 19.00 14.80
C MET A 264 5.93 19.20 14.46
N HIS A 265 6.61 20.02 15.24
CA HIS A 265 8.05 20.21 15.04
C HIS A 265 8.81 18.89 15.22
N GLN A 266 8.54 18.20 16.32
CA GLN A 266 9.24 16.95 16.61
C GLN A 266 8.97 15.83 15.59
N PHE A 267 7.75 15.82 15.04
CA PHE A 267 7.29 14.74 14.15
C PHE A 267 7.55 15.04 12.68
N ASN A 268 7.18 16.24 12.25
CA ASN A 268 7.20 16.61 10.84
CA ASN A 268 7.16 16.64 10.84
C ASN A 268 8.52 17.22 10.44
N ASN A 269 9.26 17.75 11.43
CA ASN A 269 10.55 18.40 11.14
C ASN A 269 11.80 17.54 11.42
N TYR A 270 13.00 18.09 11.23
CA TYR A 270 14.24 17.35 11.42
C TYR A 270 14.37 16.52 12.75
N PRO A 271 13.74 16.94 13.89
CA PRO A 271 13.95 16.14 15.12
C PRO A 271 13.59 14.65 15.05
N LEU A 272 12.59 14.29 14.25
CA LEU A 272 12.24 12.87 14.14
C LEU A 272 13.45 12.00 13.81
N PHE A 273 14.37 12.54 13.02
CA PHE A 273 15.55 11.84 12.56
C PHE A 273 16.83 12.27 13.26
N LEU A 274 16.91 13.56 13.61
CA LEU A 274 18.14 14.05 14.23
C LEU A 274 18.22 13.69 15.70
N ASN A 275 17.08 13.52 16.36
CA ASN A 275 17.11 13.01 17.73
C ASN A 275 17.74 11.63 17.80
N PRO A 276 17.29 10.67 16.94
CA PRO A 276 18.07 9.43 16.83
C PRO A 276 19.54 9.59 16.47
N ILE A 277 19.86 10.38 15.45
CA ILE A 277 21.25 10.51 14.95
C ILE A 277 22.19 11.11 16.01
N TYR A 278 21.74 12.18 16.64
CA TYR A 278 22.55 12.90 17.61
C TYR A 278 22.37 12.45 19.06
N ARG A 279 21.17 11.97 19.39
CA ARG A 279 20.85 11.61 20.79
C ARG A 279 20.45 10.16 21.02
N GLY A 280 20.27 9.36 19.97
CA GLY A 280 20.07 7.94 20.17
C GLY A 280 18.65 7.54 20.59
N ASP A 281 17.68 8.40 20.36
CA ASP A 281 16.27 8.01 20.55
C ASP A 281 15.36 8.93 19.78
N TYR A 282 14.12 8.53 19.55
CA TYR A 282 13.14 9.41 18.92
C TYR A 282 12.79 10.57 19.88
N PRO A 283 12.29 11.70 19.33
CA PRO A 283 11.81 12.81 20.21
C PRO A 283 10.66 12.38 21.15
N GLU A 284 10.58 13.02 22.32
CA GLU A 284 9.60 12.68 23.36
C GLU A 284 8.15 12.61 22.87
N LEU A 285 7.70 13.65 22.18
CA LEU A 285 6.29 13.67 21.76
C LEU A 285 5.98 12.69 20.59
N VAL A 286 7.01 12.34 19.80
CA VAL A 286 6.87 11.27 18.82
C VAL A 286 6.64 9.92 19.52
N LEU A 287 7.46 9.62 20.53
CA LEU A 287 7.28 8.42 21.34
C LEU A 287 5.91 8.35 22.03
N GLU A 288 5.41 9.49 22.49
CA GLU A 288 4.05 9.54 23.04
C GLU A 288 2.97 9.07 22.05
N PHE A 289 3.02 9.64 20.85
CA PHE A 289 2.04 9.31 19.81
C PHE A 289 2.24 7.91 19.22
N ALA A 290 3.50 7.50 19.07
CA ALA A 290 3.81 6.46 18.08
C ALA A 290 4.55 5.23 18.59
N ARG A 291 4.83 5.18 19.90
CA ARG A 291 5.59 4.07 20.43
C ARG A 291 5.02 2.71 20.04
N GLU A 292 3.70 2.58 20.07
CA GLU A 292 3.08 1.30 19.81
C GLU A 292 3.29 0.83 18.37
N TYR A 293 3.66 1.77 17.50
CA TYR A 293 3.83 1.50 16.06
C TYR A 293 5.27 1.17 15.66
N LEU A 294 6.22 1.51 16.54
CA LEU A 294 7.63 1.22 16.28
C LEU A 294 7.93 -0.22 16.62
N PRO A 295 9.00 -0.79 16.03
CA PRO A 295 9.37 -2.14 16.42
C PRO A 295 9.58 -2.19 17.92
N GLU A 296 9.27 -3.33 18.54
CA GLU A 296 9.34 -3.47 19.99
CA GLU A 296 9.34 -3.47 20.00
C GLU A 296 10.74 -3.21 20.55
N ASN A 297 11.75 -3.72 19.84
CA ASN A 297 13.12 -3.56 20.29
C ASN A 297 13.90 -2.53 19.45
N TYR A 298 13.23 -1.44 19.07
CA TYR A 298 13.82 -0.45 18.16
C TYR A 298 15.08 0.19 18.72
N LYS A 299 15.19 0.30 20.06
CA LYS A 299 16.40 0.90 20.69
C LYS A 299 17.66 0.11 20.37
N ASP A 300 17.52 -1.18 20.11
CA ASP A 300 18.69 -2.01 19.75
C ASP A 300 19.47 -1.44 18.56
N ASP A 301 18.77 -0.67 17.73
CA ASP A 301 19.38 -0.16 16.51
C ASP A 301 19.97 1.23 16.67
N MET A 302 19.72 1.87 17.81
CA MET A 302 20.05 3.29 17.96
C MET A 302 21.55 3.60 18.00
N SER A 303 22.35 2.69 18.52
CA SER A 303 23.79 2.93 18.54
C SER A 303 24.33 3.02 17.10
N GLU A 304 23.84 2.15 16.22
CA GLU A 304 24.28 2.18 14.82
C GLU A 304 23.76 3.41 14.08
N ILE A 305 22.54 3.83 14.44
CA ILE A 305 21.91 5.02 13.84
C ILE A 305 22.70 6.31 14.10
N GLN A 306 23.46 6.34 15.19
CA GLN A 306 24.24 7.53 15.52
C GLN A 306 25.51 7.74 14.68
N GLU A 307 25.70 6.93 13.63
CA GLU A 307 26.80 7.11 12.72
C GLU A 307 26.99 8.60 12.39
N LYS A 308 28.22 9.10 12.47
CA LYS A 308 28.43 10.54 12.36
C LYS A 308 28.20 11.06 10.94
N ILE A 309 27.45 12.15 10.84
CA ILE A 309 27.18 12.80 9.55
C ILE A 309 27.94 14.14 9.42
N ASP A 310 28.16 14.58 8.19
CA ASP A 310 28.97 15.77 7.93
C ASP A 310 28.17 17.05 7.83
N PHE A 311 26.91 16.95 7.40
CA PHE A 311 26.04 18.12 7.26
C PHE A 311 24.57 17.71 7.32
N VAL A 312 23.71 18.69 7.59
CA VAL A 312 22.27 18.51 7.55
C VAL A 312 21.72 19.38 6.45
N GLY A 313 20.83 18.81 5.64
CA GLY A 313 20.12 19.58 4.63
C GLY A 313 18.71 19.79 5.10
N LEU A 314 18.25 21.04 5.08
CA LEU A 314 16.90 21.38 5.45
C LEU A 314 16.19 21.92 4.23
N ASN A 315 15.03 21.35 3.92
CA ASN A 315 14.14 21.91 2.95
C ASN A 315 13.11 22.76 3.68
N TYR A 316 12.69 23.85 3.08
CA TYR A 316 11.71 24.74 3.69
C TYR A 316 10.94 25.50 2.64
N TYR A 317 9.61 25.46 2.77
CA TYR A 317 8.71 26.15 1.84
C TYR A 317 7.62 26.97 2.56
N SER A 318 7.10 26.47 3.67
CA SER A 318 5.80 26.91 4.16
C SER A 318 5.60 26.94 5.67
N GLY A 319 4.67 27.78 6.12
CA GLY A 319 4.23 27.85 7.53
C GLY A 319 2.80 27.38 7.70
N HIS A 320 2.44 27.02 8.94
CA HIS A 320 1.09 26.53 9.25
C HIS A 320 0.70 26.97 10.63
N LEU A 321 -0.57 27.32 10.79
CA LEU A 321 -1.13 27.60 12.10
C LEU A 321 -1.78 26.33 12.59
N VAL A 322 -1.46 25.97 13.83
CA VAL A 322 -1.78 24.67 14.35
C VAL A 322 -2.56 24.83 15.66
N LYS A 323 -3.63 24.05 15.76
CA LYS A 323 -4.40 23.95 16.98
C LYS A 323 -4.42 22.50 17.41
N PHE A 324 -4.55 22.27 18.72
CA PHE A 324 -4.95 20.97 19.19
C PHE A 324 -6.37 20.74 18.68
N ASP A 325 -6.65 19.50 18.28
CA ASP A 325 -7.94 19.09 17.78
C ASP A 325 -8.20 17.67 18.25
N PRO A 326 -9.16 17.48 19.19
CA PRO A 326 -9.44 16.18 19.84
C PRO A 326 -9.77 15.06 18.86
N ASP A 327 -10.32 15.44 17.70
CA ASP A 327 -10.72 14.48 16.68
C ASP A 327 -9.54 14.06 15.80
N ALA A 330 -3.91 12.67 14.65
CA ALA A 330 -2.73 12.88 15.47
C ALA A 330 -2.98 13.96 16.53
N LYS A 331 -4.26 14.24 16.77
CA LYS A 331 -4.69 15.22 17.78
C LYS A 331 -4.37 16.64 17.33
N VAL A 332 -4.23 16.82 16.02
CA VAL A 332 -3.71 18.09 15.45
C VAL A 332 -4.41 18.43 14.13
N SER A 333 -4.81 19.70 13.98
CA SER A 333 -5.33 20.16 12.70
C SER A 333 -4.77 21.53 12.36
N PHE A 334 -4.74 21.86 11.08
CA PHE A 334 -4.29 23.16 10.61
C PHE A 334 -5.43 24.18 10.58
N VAL A 335 -5.07 25.43 10.83
CA VAL A 335 -6.03 26.52 10.82
C VAL A 335 -5.65 27.43 9.65
N GLU A 336 -6.59 27.62 8.73
CA GLU A 336 -6.34 28.45 7.57
C GLU A 336 -6.13 29.91 7.98
N ARG A 337 -5.15 30.57 7.35
CA ARG A 337 -4.85 31.96 7.65
C ARG A 337 -4.98 32.78 6.38
N ASP A 338 -5.49 33.99 6.52
CA ASP A 338 -5.54 34.92 5.41
C ASP A 338 -4.15 35.49 5.22
N LEU A 339 -3.25 34.64 4.71
CA LEU A 339 -1.92 35.01 4.31
C LEU A 339 -1.81 34.70 2.81
N PRO A 340 -0.93 35.43 2.10
CA PRO A 340 -0.58 35.06 0.73
C PRO A 340 -0.14 33.60 0.61
N LYS A 341 -0.58 32.94 -0.45
CA LYS A 341 -0.34 31.52 -0.67
C LYS A 341 0.25 31.32 -2.06
N THR A 342 0.97 30.22 -2.24
CA THR A 342 1.45 29.85 -3.58
C THR A 342 0.33 29.07 -4.28
N ALA A 343 0.56 28.68 -5.53
CA ALA A 343 -0.40 27.84 -6.24
C ALA A 343 -0.61 26.45 -5.60
N MET A 344 0.25 26.06 -4.66
CA MET A 344 0.03 24.82 -3.88
C MET A 344 -0.98 25.04 -2.76
N GLY A 345 -1.30 26.31 -2.51
CA GLY A 345 -2.10 26.68 -1.35
C GLY A 345 -1.26 26.79 -0.08
N TRP A 346 0.06 26.81 -0.23
CA TRP A 346 0.97 26.90 0.92
C TRP A 346 1.20 28.37 1.31
N GLU A 347 0.94 28.68 2.58
CA GLU A 347 1.14 30.04 3.10
C GLU A 347 2.61 30.46 3.03
N ILE A 348 2.84 31.70 2.60
CA ILE A 348 4.19 32.25 2.42
C ILE A 348 4.65 32.93 3.71
N VAL A 349 5.61 32.30 4.40
CA VAL A 349 6.06 32.76 5.72
C VAL A 349 7.58 32.74 5.77
N PRO A 350 8.22 33.77 5.19
CA PRO A 350 9.68 33.79 5.06
C PRO A 350 10.44 33.63 6.37
N GLU A 351 9.91 34.17 7.47
CA GLU A 351 10.61 34.08 8.77
C GLU A 351 10.79 32.63 9.24
N GLY A 352 9.98 31.72 8.69
CA GLY A 352 10.10 30.30 9.01
C GLY A 352 11.44 29.69 8.63
N ILE A 353 12.03 30.17 7.55
CA ILE A 353 13.37 29.70 7.14
C ILE A 353 14.48 30.15 8.14
N TYR A 354 14.34 31.37 8.67
CA TYR A 354 15.21 31.83 9.74
C TYR A 354 15.00 31.00 11.01
N TRP A 355 13.74 30.79 11.38
CA TRP A 355 13.41 30.02 12.56
C TRP A 355 14.02 28.59 12.52
N ILE A 356 13.83 27.91 11.38
CA ILE A 356 14.26 26.52 11.29
C ILE A 356 15.78 26.43 11.32
N LEU A 357 16.46 27.44 10.79
CA LEU A 357 17.91 27.47 10.82
C LEU A 357 18.47 27.74 12.22
N LYS A 358 17.91 28.73 12.91
CA LYS A 358 18.26 28.96 14.32
C LYS A 358 17.96 27.73 15.17
N LYS A 359 16.80 27.11 14.95
CA LYS A 359 16.35 26.00 15.78
C LYS A 359 17.24 24.77 15.61
N VAL A 360 17.72 24.49 14.40
CA VAL A 360 18.56 23.31 14.22
C VAL A 360 19.93 23.48 14.91
N LYS A 361 20.48 24.70 14.85
CA LYS A 361 21.69 25.03 15.59
C LYS A 361 21.48 24.83 17.08
N GLU A 362 20.38 25.38 17.58
CA GLU A 362 20.06 25.37 18.99
C GLU A 362 19.85 23.95 19.50
N GLU A 363 19.18 23.11 18.69
CA GLU A 363 18.84 21.76 19.13
C GLU A 363 19.94 20.72 18.95
N TYR A 364 20.63 20.74 17.80
CA TYR A 364 21.60 19.69 17.49
C TYR A 364 22.97 20.18 17.08
N ASN A 365 23.08 21.50 16.88
CA ASN A 365 24.33 22.13 16.46
C ASN A 365 25.13 21.33 15.40
N PRO A 366 24.48 21.01 14.26
CA PRO A 366 25.23 20.27 13.25
C PRO A 366 26.39 21.14 12.74
N PRO A 367 27.50 20.50 12.32
CA PRO A 367 28.67 21.29 11.94
C PRO A 367 28.45 22.15 10.68
N GLU A 368 27.69 21.64 9.72
CA GLU A 368 27.30 22.40 8.53
C GLU A 368 25.82 22.22 8.27
N VAL A 369 25.19 23.26 7.72
CA VAL A 369 23.80 23.17 7.29
C VAL A 369 23.71 23.70 5.85
N TYR A 370 22.86 23.08 5.04
CA TYR A 370 22.51 23.61 3.73
C TYR A 370 21.02 23.75 3.67
N ILE A 371 20.53 24.79 3.01
CA ILE A 371 19.13 24.81 2.61
C ILE A 371 19.14 24.08 1.28
N THR A 372 18.65 22.84 1.30
CA THR A 372 18.73 21.98 0.09
C THR A 372 17.52 22.11 -0.86
N GLU A 373 16.46 22.78 -0.40
CA GLU A 373 15.33 23.17 -1.25
C GLU A 373 14.66 24.38 -0.65
N ASN A 374 14.34 25.34 -1.50
CA ASN A 374 13.43 26.46 -1.20
C ASN A 374 12.88 26.93 -2.54
N GLY A 375 11.58 27.18 -2.62
CA GLY A 375 10.98 27.59 -3.90
C GLY A 375 9.49 27.68 -3.82
N ALA A 376 8.83 27.96 -4.94
CA ALA A 376 7.37 28.16 -4.94
C ALA A 376 6.75 27.83 -6.29
N ALA A 377 5.50 27.39 -6.23
CA ALA A 377 4.71 27.13 -7.43
C ALA A 377 3.80 28.32 -7.63
N PHE A 378 3.82 28.86 -8.85
CA PHE A 378 2.86 29.89 -9.27
C PHE A 378 2.34 29.55 -10.64
N ASP A 379 1.22 30.17 -11.02
CA ASP A 379 0.58 29.93 -12.30
C ASP A 379 1.34 30.70 -13.38
N ASP A 380 2.50 30.19 -13.77
CA ASP A 380 3.37 30.84 -14.74
C ASP A 380 2.79 30.78 -16.14
N VAL A 381 2.91 31.91 -16.83
CA VAL A 381 2.56 31.99 -18.24
C VAL A 381 3.63 32.73 -19.03
N VAL A 382 3.78 32.33 -20.29
CA VAL A 382 4.66 32.99 -21.23
C VAL A 382 3.89 34.18 -21.80
N SER A 383 4.37 35.39 -21.51
CA SER A 383 3.77 36.62 -22.03
C SER A 383 3.99 36.75 -23.53
N GLU A 384 3.31 37.71 -24.16
CA GLU A 384 3.48 37.92 -25.60
C GLU A 384 4.92 38.32 -25.94
N ASP A 385 5.64 38.88 -24.96
CA ASP A 385 7.04 39.29 -25.15
C ASP A 385 8.04 38.10 -25.07
N GLY A 386 7.51 36.89 -24.92
CA GLY A 386 8.34 35.68 -24.86
C GLY A 386 8.94 35.39 -23.48
N ARG A 387 8.64 36.25 -22.52
CA ARG A 387 9.20 36.14 -21.18
C ARG A 387 8.20 35.60 -20.16
N VAL A 388 8.70 35.10 -19.02
CA VAL A 388 7.83 34.63 -17.97
C VAL A 388 8.04 35.57 -16.78
N HIS A 389 7.09 36.50 -16.59
CA HIS A 389 7.25 37.54 -15.60
C HIS A 389 6.78 37.10 -14.21
N ASP A 390 7.58 36.26 -13.54
CA ASP A 390 7.20 35.72 -12.24
C ASP A 390 7.71 36.53 -11.05
N GLN A 391 7.28 37.77 -10.96
CA GLN A 391 7.67 38.64 -9.84
C GLN A 391 7.30 37.99 -8.51
N ASN A 392 6.18 37.29 -8.48
CA ASN A 392 5.76 36.55 -7.28
C ASN A 392 6.85 35.58 -6.79
N ARG A 393 7.49 34.88 -7.71
CA ARG A 393 8.54 33.93 -7.35
C ARG A 393 9.79 34.69 -6.90
N ILE A 394 10.09 35.81 -7.57
CA ILE A 394 11.19 36.67 -7.12
C ILE A 394 10.96 37.13 -5.70
N ASP A 395 9.76 37.65 -5.41
CA ASP A 395 9.46 38.16 -4.07
C ASP A 395 9.64 37.09 -2.99
N TYR A 396 9.11 35.90 -3.29
CA TYR A 396 9.24 34.71 -2.46
C TYR A 396 10.71 34.38 -2.20
N LEU A 397 11.48 34.19 -3.25
CA LEU A 397 12.88 33.81 -3.08
C LEU A 397 13.65 34.89 -2.33
N LYS A 398 13.37 36.16 -2.67
CA LYS A 398 14.13 37.26 -2.09
C LYS A 398 13.95 37.30 -0.58
N ALA A 399 12.72 37.16 -0.12
CA ALA A 399 12.38 37.19 1.29
C ALA A 399 13.01 36.04 2.08
N HIS A 400 13.09 34.87 1.45
CA HIS A 400 13.68 33.70 2.11
C HIS A 400 15.20 33.75 2.15
N ILE A 401 15.82 34.18 1.05
CA ILE A 401 17.28 34.40 0.98
C ILE A 401 17.69 35.46 2.03
N GLY A 402 16.88 36.51 2.17
CA GLY A 402 17.15 37.54 3.19
C GLY A 402 17.14 36.98 4.61
N GLN A 403 16.19 36.09 4.89
CA GLN A 403 16.07 35.45 6.19
C GLN A 403 17.21 34.45 6.46
N ALA A 404 17.59 33.70 5.42
CA ALA A 404 18.76 32.83 5.51
C ALA A 404 20.04 33.63 5.84
N TRP A 405 20.21 34.76 5.16
CA TRP A 405 21.32 35.70 5.46
C TRP A 405 21.36 36.06 6.94
N LYS A 406 20.19 36.36 7.51
CA LYS A 406 20.02 36.73 8.91
C LYS A 406 20.58 35.64 9.84
N ALA A 407 20.16 34.39 9.61
CA ALA A 407 20.66 33.24 10.37
C ALA A 407 22.19 33.13 10.33
N ILE A 408 22.78 33.41 9.19
CA ILE A 408 24.25 33.41 9.05
C ILE A 408 24.92 34.46 9.94
N GLN A 409 24.37 35.68 9.92
CA GLN A 409 24.90 36.76 10.77
C GLN A 409 24.84 36.34 12.24
N GLU A 410 23.81 35.56 12.59
CA GLU A 410 23.65 35.04 13.93
C GLU A 410 24.35 33.70 14.20
N GLY A 411 25.24 33.28 13.30
CA GLY A 411 26.16 32.18 13.61
C GLY A 411 25.76 30.79 13.15
N VAL A 412 24.67 30.67 12.42
CA VAL A 412 24.29 29.38 11.83
C VAL A 412 25.29 29.08 10.70
N PRO A 413 25.92 27.88 10.74
CA PRO A 413 26.89 27.53 9.71
C PRO A 413 26.22 27.08 8.42
N LEU A 414 25.43 27.97 7.81
CA LEU A 414 24.81 27.72 6.50
C LEU A 414 25.86 27.86 5.41
N LYS A 415 26.11 26.76 4.69
CA LYS A 415 27.16 26.74 3.67
C LYS A 415 26.66 26.88 2.23
N GLY A 416 25.34 26.79 2.05
CA GLY A 416 24.77 26.85 0.72
C GLY A 416 23.26 26.90 0.74
N TYR A 417 22.68 27.24 -0.41
CA TYR A 417 21.23 27.41 -0.56
C TYR A 417 20.88 26.97 -1.98
N PHE A 418 19.91 26.05 -2.10
CA PHE A 418 19.51 25.45 -3.38
C PHE A 418 18.05 25.80 -3.72
N VAL A 419 17.82 26.37 -4.88
CA VAL A 419 16.48 26.71 -5.27
C VAL A 419 15.79 25.45 -5.84
N TRP A 420 14.61 25.14 -5.35
CA TRP A 420 13.79 24.14 -6.01
C TRP A 420 12.84 24.92 -6.90
N SER A 421 12.92 24.75 -8.22
CA SER A 421 13.77 23.79 -8.92
C SER A 421 14.42 24.50 -10.12
N LEU A 422 15.44 23.91 -10.72
CA LEU A 422 15.92 24.42 -12.01
C LEU A 422 14.77 24.53 -13.01
N LEU A 423 13.99 23.45 -13.10
CA LEU A 423 13.01 23.26 -14.21
C LEU A 423 11.63 23.01 -13.64
N ASP A 424 10.60 23.51 -14.33
CA ASP A 424 9.24 22.99 -14.09
C ASP A 424 9.31 21.48 -14.32
N ASN A 425 8.56 20.72 -13.54
CA ASN A 425 8.73 19.27 -13.64
C ASN A 425 7.51 18.52 -13.12
N PHE A 426 7.61 17.19 -13.07
CA PHE A 426 6.55 16.31 -12.56
C PHE A 426 6.43 16.45 -11.05
N GLU A 427 5.38 17.11 -10.61
CA GLU A 427 5.25 17.41 -9.20
C GLU A 427 4.44 16.28 -8.55
N TRP A 428 4.98 15.05 -8.59
CA TRP A 428 4.44 13.94 -7.83
C TRP A 428 2.93 13.80 -8.09
N ALA A 429 2.11 13.65 -7.05
CA ALA A 429 0.66 13.43 -7.25
C ALA A 429 -0.12 14.58 -7.88
N GLU A 430 0.51 15.76 -8.01
CA GLU A 430 -0.07 16.89 -8.70
C GLU A 430 0.25 16.86 -10.19
N GLY A 431 1.12 15.94 -10.63
CA GLY A 431 1.56 15.92 -12.03
C GLY A 431 2.20 17.22 -12.48
N TYR A 432 1.98 17.57 -13.75
CA TYR A 432 2.61 18.72 -14.39
C TYR A 432 1.87 20.03 -14.11
N SER A 433 0.79 19.95 -13.33
CA SER A 433 -0.06 21.10 -13.01
C SER A 433 0.61 22.14 -12.08
N LYS A 434 1.74 21.80 -11.47
CA LYS A 434 2.44 22.75 -10.58
C LYS A 434 3.85 23.05 -11.04
N ARG A 435 4.13 24.33 -11.29
CA ARG A 435 5.39 24.76 -11.89
C ARG A 435 6.28 25.42 -10.83
N PHE A 436 7.38 24.76 -10.51
CA PHE A 436 8.36 25.25 -9.51
C PHE A 436 9.67 25.79 -10.11
N GLY A 437 9.82 25.73 -11.41
CA GLY A 437 11.10 26.08 -12.03
C GLY A 437 11.45 27.56 -11.98
N ILE A 438 12.75 27.83 -12.04
CA ILE A 438 13.20 29.18 -12.40
C ILE A 438 13.39 29.21 -13.94
N VAL A 439 13.22 28.04 -14.55
CA VAL A 439 13.19 27.86 -16.00
C VAL A 439 11.85 27.19 -16.34
N TYR A 440 11.11 27.83 -17.24
CA TYR A 440 9.83 27.32 -17.75
C TYR A 440 10.07 26.23 -18.78
N VAL A 441 9.27 25.16 -18.72
CA VAL A 441 9.33 24.09 -19.70
C VAL A 441 7.97 24.02 -20.41
N ASP A 442 8.01 24.25 -21.73
CA ASP A 442 6.83 24.03 -22.56
C ASP A 442 6.85 22.55 -22.92
N TYR A 443 5.94 21.79 -22.32
CA TYR A 443 5.96 20.32 -22.49
C TYR A 443 5.60 19.85 -23.89
N SER A 444 4.94 20.69 -24.67
CA SER A 444 4.58 20.30 -26.05
C SER A 444 5.81 20.25 -26.95
N THR A 445 6.80 21.09 -26.63
CA THR A 445 8.02 21.21 -27.43
C THR A 445 9.31 20.86 -26.69
N GLN A 446 9.22 20.80 -25.35
CA GLN A 446 10.39 20.68 -24.47
C GLN A 446 11.28 21.91 -24.46
N LYS A 447 10.79 23.01 -25.04
CA LYS A 447 11.50 24.27 -24.99
C LYS A 447 11.64 24.77 -23.54
N ARG A 448 12.84 25.25 -23.20
CA ARG A 448 13.13 25.90 -21.92
C ARG A 448 13.15 27.42 -22.13
N ILE A 449 12.48 28.14 -21.24
CA ILE A 449 12.48 29.59 -21.23
C ILE A 449 12.85 30.03 -19.82
N VAL A 450 14.01 30.66 -19.68
CA VAL A 450 14.43 31.13 -18.36
C VAL A 450 13.40 32.15 -17.89
N LYS A 451 12.91 31.98 -16.66
CA LYS A 451 11.91 32.91 -16.10
C LYS A 451 12.62 34.14 -15.53
N ASP A 452 11.88 35.22 -15.32
CA ASP A 452 12.46 36.42 -14.67
C ASP A 452 13.18 36.06 -13.36
N SER A 453 12.62 35.09 -12.62
CA SER A 453 13.20 34.59 -11.37
C SER A 453 14.58 33.94 -11.57
N GLY A 454 14.75 33.23 -12.68
CA GLY A 454 16.04 32.65 -13.04
C GLY A 454 17.06 33.75 -13.30
N TYR A 455 16.65 34.77 -14.06
CA TYR A 455 17.55 35.88 -14.34
C TYR A 455 17.95 36.59 -13.06
N TRP A 456 16.96 36.89 -12.22
CA TRP A 456 17.14 37.49 -10.90
C TRP A 456 18.09 36.69 -10.01
N TYR A 457 17.88 35.37 -9.97
CA TYR A 457 18.72 34.50 -9.14
C TYR A 457 20.16 34.49 -9.63
N SER A 458 20.35 34.48 -10.95
CA SER A 458 21.70 34.49 -11.54
C SER A 458 22.49 35.70 -11.07
N ASN A 459 21.79 36.82 -10.90
CA ASN A 459 22.39 38.06 -10.44
C ASN A 459 22.75 37.97 -8.96
N VAL A 460 21.84 37.39 -8.18
CA VAL A 460 22.11 37.10 -6.78
C VAL A 460 23.40 36.28 -6.64
N VAL A 461 23.52 35.23 -7.45
CA VAL A 461 24.69 34.35 -7.38
C VAL A 461 25.98 35.09 -7.74
N LYS A 462 25.94 35.78 -8.88
CA LYS A 462 27.06 36.62 -9.35
C LYS A 462 27.51 37.63 -8.29
N ASN A 463 26.56 38.28 -7.63
CA ASN A 463 26.84 39.27 -6.57
C ASN A 463 27.15 38.64 -5.21
N ASN A 464 27.03 37.31 -5.12
CA ASN A 464 27.08 36.59 -3.85
C ASN A 464 26.12 37.13 -2.79
N GLY A 465 24.95 37.57 -3.21
CA GLY A 465 23.93 38.04 -2.26
C GLY A 465 22.94 39.04 -2.84
N LEU A 466 22.19 39.69 -1.96
CA LEU A 466 21.11 40.61 -2.32
C LEU A 466 21.58 42.07 -2.28
N GLU A 467 20.75 42.97 -2.82
CA GLU A 467 21.04 44.41 -2.81
C GLU A 467 19.76 45.25 -2.86
N VAL B 25 -42.65 -28.14 -2.91
CA VAL B 25 -41.46 -28.37 -2.03
C VAL B 25 -40.19 -28.53 -2.85
N LYS B 26 -39.06 -28.18 -2.26
CA LYS B 26 -37.77 -28.35 -2.92
C LYS B 26 -36.82 -29.16 -2.01
N LYS B 27 -36.70 -30.45 -2.32
CA LYS B 27 -35.83 -31.34 -1.56
C LYS B 27 -34.47 -31.47 -2.21
N PHE B 28 -33.44 -31.30 -1.40
CA PHE B 28 -32.07 -31.39 -1.88
C PHE B 28 -31.59 -32.85 -1.85
N PRO B 29 -30.55 -33.17 -2.65
CA PRO B 29 -29.96 -34.50 -2.70
C PRO B 29 -29.66 -35.05 -1.31
N GLU B 30 -29.65 -36.37 -1.18
CA GLU B 30 -29.30 -37.03 0.06
C GLU B 30 -27.82 -36.73 0.39
N GLY B 31 -27.55 -36.43 1.64
CA GLY B 31 -26.19 -36.13 2.07
C GLY B 31 -25.72 -34.71 1.79
N PHE B 32 -26.56 -33.91 1.11
CA PHE B 32 -26.32 -32.48 0.89
C PHE B 32 -25.93 -31.82 2.18
N LEU B 33 -24.95 -30.91 2.12
CA LEU B 33 -24.38 -30.35 3.34
C LEU B 33 -24.90 -28.93 3.61
N TRP B 34 -25.49 -28.74 4.78
CA TRP B 34 -26.02 -27.43 5.18
C TRP B 34 -25.12 -26.87 6.27
N GLY B 35 -24.63 -25.66 6.03
CA GLY B 35 -23.68 -25.07 6.95
C GLY B 35 -23.85 -23.60 7.24
N VAL B 36 -22.99 -23.11 8.12
CA VAL B 36 -22.88 -21.68 8.39
C VAL B 36 -21.38 -21.33 8.35
N ALA B 37 -21.09 -20.07 7.99
CA ALA B 37 -19.69 -19.64 7.81
C ALA B 37 -19.30 -18.43 8.67
N THR B 38 -18.05 -18.44 9.14
CA THR B 38 -17.45 -17.28 9.83
C THR B 38 -16.00 -17.12 9.33
N ALA B 39 -15.33 -16.07 9.81
CA ALA B 39 -13.88 -15.90 9.57
C ALA B 39 -13.22 -15.45 10.88
N SER B 40 -11.98 -15.89 11.13
CA SER B 40 -11.25 -15.62 12.37
C SER B 40 -11.28 -14.15 12.83
N TYR B 41 -10.79 -13.23 11.98
CA TYR B 41 -10.70 -11.81 12.42
C TYR B 41 -12.08 -11.18 12.61
N GLN B 42 -13.08 -11.67 11.89
CA GLN B 42 -14.42 -11.10 12.01
C GLN B 42 -15.11 -11.44 13.35
N ILE B 43 -14.72 -12.55 13.97
CA ILE B 43 -15.42 -13.01 15.19
C ILE B 43 -14.62 -13.18 16.46
N GLU B 44 -13.30 -13.40 16.37
CA GLU B 44 -12.56 -13.90 17.53
C GLU B 44 -12.27 -12.87 18.63
N GLY B 45 -11.89 -11.65 18.23
CA GLY B 45 -11.30 -10.71 19.17
C GLY B 45 -10.02 -11.32 19.72
N SER B 46 -9.46 -10.73 20.75
CA SER B 46 -8.20 -11.23 21.33
C SER B 46 -7.15 -11.51 20.26
N PRO B 47 -6.88 -10.51 19.39
CA PRO B 47 -5.96 -10.73 18.26
C PRO B 47 -4.51 -11.01 18.73
N LEU B 48 -4.15 -10.52 19.91
CA LEU B 48 -2.80 -10.63 20.42
C LEU B 48 -2.69 -11.53 21.66
N ALA B 49 -3.76 -12.27 21.95
CA ALA B 49 -3.74 -13.20 23.08
C ALA B 49 -2.87 -14.41 22.81
N ASP B 50 -2.23 -14.89 23.86
CA ASP B 50 -1.57 -16.21 23.90
C ASP B 50 -0.43 -16.37 22.88
N GLY B 51 0.34 -15.30 22.72
CA GLY B 51 1.51 -15.30 21.89
C GLY B 51 1.28 -15.01 20.41
N ALA B 52 0.06 -14.64 20.05
CA ALA B 52 -0.25 -14.40 18.64
C ALA B 52 0.53 -13.21 18.08
N GLY B 53 0.91 -13.33 16.81
CA GLY B 53 1.48 -12.22 16.09
C GLY B 53 0.38 -11.31 15.58
N MET B 54 0.73 -10.04 15.36
CA MET B 54 -0.21 -9.10 14.74
C MET B 54 -0.52 -9.57 13.33
N SER B 55 -1.74 -9.31 12.88
CA SER B 55 -2.10 -9.52 11.47
C SER B 55 -2.16 -8.17 10.78
N ILE B 56 -2.25 -8.20 9.45
CA ILE B 56 -2.43 -6.99 8.66
C ILE B 56 -3.77 -6.33 8.93
N TRP B 57 -4.76 -7.07 9.41
CA TRP B 57 -6.04 -6.44 9.73
C TRP B 57 -6.02 -5.69 11.08
N HIS B 58 -5.23 -6.19 12.02
CA HIS B 58 -4.97 -5.48 13.27
C HIS B 58 -4.34 -4.12 12.98
N THR B 59 -3.26 -4.11 12.24
CA THR B 59 -2.56 -2.85 11.96
C THR B 59 -3.38 -1.93 11.03
N PHE B 60 -4.07 -2.51 10.03
CA PHE B 60 -4.95 -1.73 9.13
C PHE B 60 -6.12 -1.11 9.90
N SER B 61 -6.79 -1.91 10.74
CA SER B 61 -7.95 -1.36 11.45
C SER B 61 -7.53 -0.35 12.53
N HIS B 62 -6.31 -0.48 13.07
CA HIS B 62 -5.77 0.46 14.07
C HIS B 62 -5.14 1.69 13.46
N THR B 63 -5.27 1.80 12.13
CA THR B 63 -4.84 2.99 11.40
C THR B 63 -6.07 3.89 11.24
N PRO B 64 -6.05 5.11 11.82
CA PRO B 64 -7.24 5.94 11.69
C PRO B 64 -7.66 6.21 10.23
N GLY B 65 -8.96 6.19 9.96
CA GLY B 65 -9.47 6.47 8.63
C GLY B 65 -9.76 5.26 7.76
N ASN B 66 -9.27 4.08 8.15
CA ASN B 66 -9.45 2.90 7.31
C ASN B 66 -10.76 2.13 7.51
N VAL B 67 -11.31 2.21 8.71
CA VAL B 67 -12.52 1.44 9.06
C VAL B 67 -13.59 2.39 9.64
N LYS B 68 -14.82 2.21 9.21
CA LYS B 68 -15.94 3.00 9.67
C LYS B 68 -15.95 3.08 11.20
N ASN B 69 -16.15 4.27 11.75
CA ASN B 69 -16.27 4.49 13.20
C ASN B 69 -14.99 4.13 13.97
N GLY B 70 -13.91 3.87 13.25
CA GLY B 70 -12.69 3.40 13.89
C GLY B 70 -12.81 2.03 14.55
N ASP B 71 -13.75 1.21 14.10
CA ASP B 71 -13.88 -0.15 14.64
C ASP B 71 -12.66 -0.99 14.31
N THR B 72 -12.42 -2.00 15.14
CA THR B 72 -11.32 -2.94 14.97
C THR B 72 -11.85 -4.31 15.37
N GLY B 73 -11.08 -5.36 15.13
CA GLY B 73 -11.42 -6.70 15.63
C GLY B 73 -10.83 -7.02 16.99
N ASP B 74 -10.58 -6.00 17.81
CA ASP B 74 -9.94 -6.22 19.11
C ASP B 74 -10.82 -7.14 19.98
N VAL B 75 -12.13 -6.95 19.87
CA VAL B 75 -13.11 -7.67 20.68
C VAL B 75 -14.01 -8.51 19.79
N ALA B 76 -14.62 -7.88 18.78
CA ALA B 76 -15.53 -8.54 17.84
C ALA B 76 -16.65 -9.25 18.63
N CYS B 77 -16.89 -10.52 18.33
CA CYS B 77 -17.86 -11.31 19.10
C CYS B 77 -17.23 -12.08 20.28
N ASP B 78 -15.98 -11.75 20.63
CA ASP B 78 -15.25 -12.44 21.70
C ASP B 78 -15.39 -13.97 21.55
N HIS B 79 -15.36 -14.46 20.30
CA HIS B 79 -15.42 -15.91 20.02
C HIS B 79 -14.18 -16.63 20.51
N TYR B 80 -13.08 -15.90 20.71
CA TYR B 80 -11.89 -16.48 21.32
C TYR B 80 -12.22 -17.05 22.70
N ASN B 81 -13.17 -16.41 23.38
CA ASN B 81 -13.56 -16.84 24.73
C ASN B 81 -14.90 -17.58 24.75
N ARG B 82 -15.76 -17.29 23.78
CA ARG B 82 -17.12 -17.80 23.76
C ARG B 82 -17.38 -18.85 22.70
N TRP B 83 -16.32 -19.49 22.22
CA TRP B 83 -16.41 -20.46 21.13
C TRP B 83 -17.37 -21.63 21.43
N LYS B 84 -17.33 -22.13 22.67
CA LYS B 84 -18.14 -23.30 23.07
C LYS B 84 -19.63 -23.00 22.90
N GLU B 85 -20.08 -21.87 23.47
CA GLU B 85 -21.48 -21.42 23.32
C GLU B 85 -21.87 -21.31 21.86
N ASP B 86 -20.99 -20.69 21.05
CA ASP B 86 -21.31 -20.49 19.64
C ASP B 86 -21.54 -21.80 18.88
N ILE B 87 -20.73 -22.80 19.16
CA ILE B 87 -20.84 -24.12 18.51
C ILE B 87 -22.11 -24.83 19.01
N GLU B 88 -22.41 -24.66 20.30
CA GLU B 88 -23.65 -25.19 20.88
C GLU B 88 -24.85 -24.59 20.17
N ILE B 89 -24.76 -23.32 19.78
CA ILE B 89 -25.81 -22.70 18.97
C ILE B 89 -25.92 -23.42 17.63
N ILE B 90 -24.78 -23.71 16.99
CA ILE B 90 -24.79 -24.50 15.75
C ILE B 90 -25.47 -25.85 16.03
N GLU B 91 -25.07 -26.49 17.13
CA GLU B 91 -25.68 -27.75 17.59
C GLU B 91 -27.20 -27.64 17.77
N LYS B 92 -27.64 -26.58 18.45
CA LYS B 92 -29.07 -26.38 18.78
C LYS B 92 -29.92 -26.16 17.52
N LEU B 93 -29.34 -25.54 16.50
CA LEU B 93 -30.04 -25.34 15.22
C LEU B 93 -29.91 -26.55 14.28
N GLY B 94 -29.13 -27.55 14.69
CA GLY B 94 -28.94 -28.76 13.88
C GLY B 94 -28.22 -28.51 12.55
N VAL B 95 -27.54 -27.38 12.44
CA VAL B 95 -26.77 -27.11 11.22
C VAL B 95 -25.67 -28.17 11.12
N LYS B 96 -25.45 -28.68 9.93
CA LYS B 96 -24.59 -29.85 9.78
C LYS B 96 -23.09 -29.56 9.52
N ALA B 97 -22.78 -28.35 9.05
CA ALA B 97 -21.35 -28.01 8.78
C ALA B 97 -21.00 -26.62 9.24
N TYR B 98 -19.72 -26.41 9.52
CA TYR B 98 -19.22 -25.12 9.99
C TYR B 98 -17.96 -24.78 9.23
N ARG B 99 -18.09 -23.73 8.41
CA ARG B 99 -16.96 -23.17 7.69
C ARG B 99 -16.36 -22.08 8.56
N PHE B 100 -15.11 -22.27 8.99
CA PHE B 100 -14.44 -21.26 9.81
C PHE B 100 -13.00 -21.08 9.33
N SER B 101 -12.40 -19.93 9.62
CA SER B 101 -10.97 -19.77 9.25
C SER B 101 -10.01 -19.83 10.43
N ILE B 102 -8.76 -20.12 10.09
CA ILE B 102 -7.68 -20.13 11.07
C ILE B 102 -6.84 -18.85 10.88
N SER B 103 -6.55 -18.18 12.00
CA SER B 103 -5.65 -17.02 12.01
C SER B 103 -4.21 -17.48 11.85
N TRP B 104 -3.64 -17.26 10.67
CA TRP B 104 -2.22 -17.54 10.41
C TRP B 104 -1.28 -17.08 11.57
N PRO B 105 -1.32 -15.79 11.97
CA PRO B 105 -0.42 -15.32 13.03
C PRO B 105 -0.71 -15.82 14.47
N ARG B 106 -1.80 -16.54 14.67
CA ARG B 106 -1.98 -17.31 15.91
C ARG B 106 -1.13 -18.58 15.90
N ILE B 107 -0.92 -19.15 14.71
CA ILE B 107 -0.17 -20.41 14.58
C ILE B 107 1.32 -20.15 14.40
N LEU B 108 1.63 -19.16 13.57
CA LEU B 108 3.00 -18.78 13.30
C LEU B 108 3.07 -17.28 13.49
N PRO B 109 3.41 -16.83 14.71
CA PRO B 109 3.37 -15.39 14.96
C PRO B 109 4.30 -14.56 14.08
N GLU B 110 5.38 -15.19 13.57
CA GLU B 110 6.31 -14.51 12.68
CA GLU B 110 6.32 -14.52 12.68
C GLU B 110 6.05 -14.84 11.20
N GLY B 111 4.92 -15.48 10.93
CA GLY B 111 4.57 -15.91 9.58
C GLY B 111 5.20 -17.25 9.20
N THR B 112 6.45 -17.44 9.58
CA THR B 112 7.16 -18.72 9.35
C THR B 112 7.94 -19.03 10.61
N GLY B 113 8.50 -20.24 10.69
CA GLY B 113 9.38 -20.61 11.79
C GLY B 113 8.64 -21.20 12.98
N ARG B 114 8.76 -20.53 14.11
CA ARG B 114 8.25 -21.02 15.40
C ARG B 114 6.74 -21.18 15.41
N VAL B 115 6.24 -22.36 15.80
CA VAL B 115 4.81 -22.62 15.94
C VAL B 115 4.31 -22.27 17.34
N ASN B 116 3.13 -21.66 17.42
CA ASN B 116 2.56 -21.21 18.69
C ASN B 116 1.58 -22.27 19.21
N GLN B 117 2.01 -22.99 20.25
CA GLN B 117 1.21 -24.10 20.79
C GLN B 117 -0.20 -23.66 21.21
N LYS B 118 -0.31 -22.51 21.84
CA LYS B 118 -1.61 -22.05 22.30
C LYS B 118 -2.58 -21.73 21.16
N GLY B 119 -2.04 -21.39 19.99
CA GLY B 119 -2.85 -21.18 18.79
C GLY B 119 -3.34 -22.50 18.26
N LEU B 120 -2.46 -23.50 18.27
CA LEU B 120 -2.88 -24.88 17.93
C LEU B 120 -3.99 -25.37 18.88
N ASP B 121 -3.79 -25.13 20.18
CA ASP B 121 -4.75 -25.53 21.24
C ASP B 121 -6.13 -24.92 20.98
N PHE B 122 -6.17 -23.63 20.67
CA PHE B 122 -7.44 -22.93 20.40
C PHE B 122 -8.26 -23.62 19.33
N TYR B 123 -7.65 -23.92 18.18
CA TYR B 123 -8.39 -24.51 17.07
C TYR B 123 -8.69 -25.99 17.27
N ASN B 124 -7.77 -26.72 17.91
CA ASN B 124 -8.02 -28.13 18.28
C ASN B 124 -9.27 -28.33 19.15
N ARG B 125 -9.44 -27.51 20.19
CA ARG B 125 -10.65 -27.55 21.03
C ARG B 125 -11.91 -27.32 20.18
N ILE B 126 -11.82 -26.39 19.24
CA ILE B 126 -12.93 -26.10 18.34
C ILE B 126 -13.19 -27.29 17.42
N ILE B 127 -12.11 -27.86 16.89
CA ILE B 127 -12.22 -29.03 16.01
C ILE B 127 -12.79 -30.24 16.80
N ASP B 128 -12.31 -30.45 18.02
CA ASP B 128 -12.75 -31.61 18.80
C ASP B 128 -14.21 -31.49 19.20
N THR B 129 -14.59 -30.30 19.67
CA THR B 129 -15.98 -30.00 20.00
C THR B 129 -16.91 -30.19 18.79
N LEU B 130 -16.49 -29.73 17.62
CA LEU B 130 -17.33 -29.85 16.42
C LEU B 130 -17.65 -31.31 16.07
N LEU B 131 -16.60 -32.13 16.04
CA LEU B 131 -16.70 -33.58 15.74
C LEU B 131 -17.55 -34.31 16.80
N GLU B 132 -17.34 -33.95 18.07
CA GLU B 132 -18.11 -34.45 19.22
C GLU B 132 -19.61 -34.27 18.98
N LYS B 133 -19.97 -33.17 18.31
CA LYS B 133 -21.37 -32.86 18.10
C LYS B 133 -21.84 -33.22 16.70
N GLY B 134 -21.02 -33.93 15.94
CA GLY B 134 -21.38 -34.33 14.59
C GLY B 134 -21.52 -33.18 13.60
N ILE B 135 -20.75 -32.10 13.80
CA ILE B 135 -20.73 -30.98 12.84
C ILE B 135 -19.45 -31.08 12.00
N THR B 136 -19.60 -31.04 10.67
CA THR B 136 -18.46 -31.23 9.76
C THR B 136 -17.69 -29.89 9.62
N PRO B 137 -16.40 -29.90 10.00
CA PRO B 137 -15.56 -28.69 9.84
C PRO B 137 -15.05 -28.48 8.40
N PHE B 138 -15.31 -27.28 7.87
CA PHE B 138 -14.72 -26.79 6.63
C PHE B 138 -13.75 -25.66 6.96
N VAL B 139 -12.45 -25.92 6.81
CA VAL B 139 -11.44 -24.97 7.28
C VAL B 139 -10.90 -24.11 6.14
N THR B 140 -11.09 -22.80 6.26
CA THR B 140 -10.48 -21.82 5.35
C THR B 140 -9.10 -21.50 5.94
N ILE B 141 -8.05 -21.86 5.19
CA ILE B 141 -6.68 -21.65 5.64
C ILE B 141 -6.41 -20.13 5.71
N TYR B 142 -6.88 -19.41 4.70
CA TYR B 142 -6.58 -17.97 4.63
C TYR B 142 -7.81 -17.15 4.34
N HIS B 143 -8.26 -16.42 5.35
CA HIS B 143 -9.36 -15.49 5.19
C HIS B 143 -8.93 -14.07 5.61
N TRP B 144 -7.76 -13.66 5.08
CA TRP B 144 -7.35 -12.25 4.91
C TRP B 144 -6.46 -11.68 6.00
N ASP B 145 -6.32 -12.43 7.10
CA ASP B 145 -5.49 -12.00 8.25
C ASP B 145 -4.02 -12.46 8.15
N LEU B 146 -3.32 -11.92 7.15
CA LEU B 146 -1.92 -12.26 6.92
C LEU B 146 -1.14 -11.82 8.13
N PRO B 147 -0.13 -12.61 8.56
CA PRO B 147 0.77 -12.10 9.60
C PRO B 147 1.43 -10.80 9.17
N PHE B 148 1.39 -9.79 10.05
CA PHE B 148 2.10 -8.54 9.81
C PHE B 148 3.61 -8.73 9.44
N ALA B 149 4.28 -9.67 10.10
CA ALA B 149 5.70 -9.99 9.83
C ALA B 149 5.95 -10.28 8.35
N LEU B 150 5.00 -10.94 7.71
CA LEU B 150 5.12 -11.24 6.30
C LEU B 150 4.78 -10.04 5.41
N GLN B 151 3.86 -9.18 5.83
CA GLN B 151 3.57 -7.94 5.08
C GLN B 151 4.83 -7.04 5.04
N LEU B 152 5.60 -7.01 6.12
CA LEU B 152 6.88 -6.27 6.15
C LEU B 152 7.84 -6.75 5.08
N LYS B 153 7.68 -8.01 4.68
CA LYS B 153 8.44 -8.61 3.59
C LYS B 153 7.71 -8.61 2.23
N GLY B 154 6.68 -7.79 2.12
CA GLY B 154 5.93 -7.59 0.87
C GLY B 154 4.62 -8.38 0.76
N GLY B 155 4.38 -9.31 1.69
CA GLY B 155 3.11 -10.07 1.67
C GLY B 155 2.88 -10.76 0.34
N TRP B 156 1.66 -10.58 -0.19
CA TRP B 156 1.24 -11.25 -1.44
C TRP B 156 2.00 -10.76 -2.66
N ALA B 157 2.69 -9.63 -2.52
CA ALA B 157 3.52 -9.11 -3.60
C ALA B 157 4.81 -9.91 -3.78
N ASN B 158 5.25 -10.62 -2.73
CA ASN B 158 6.53 -11.32 -2.78
C ASN B 158 6.38 -12.75 -3.26
N ARG B 159 7.09 -13.13 -4.34
CA ARG B 159 7.01 -14.52 -4.82
C ARG B 159 7.25 -15.55 -3.73
N GLU B 160 8.04 -15.16 -2.73
CA GLU B 160 8.37 -16.06 -1.61
CA GLU B 160 8.37 -16.08 -1.62
C GLU B 160 7.16 -16.51 -0.79
N ILE B 161 6.05 -15.76 -0.87
CA ILE B 161 4.83 -16.15 -0.16
C ILE B 161 4.35 -17.56 -0.55
N ALA B 162 4.67 -18.06 -1.73
CA ALA B 162 4.26 -19.43 -2.08
C ALA B 162 4.90 -20.43 -1.10
N ASP B 163 6.16 -20.18 -0.73
CA ASP B 163 6.87 -20.95 0.31
CA ASP B 163 6.83 -21.00 0.26
C ASP B 163 6.26 -20.76 1.67
N TRP B 164 6.06 -19.49 2.06
CA TRP B 164 5.48 -19.19 3.37
C TRP B 164 4.14 -19.90 3.55
N PHE B 165 3.31 -19.81 2.52
CA PHE B 165 1.97 -20.36 2.56
C PHE B 165 1.98 -21.89 2.57
N ALA B 166 2.92 -22.48 1.83
CA ALA B 166 3.11 -23.93 1.81
C ALA B 166 3.48 -24.43 3.21
N GLU B 167 4.39 -23.70 3.87
CA GLU B 167 4.87 -24.02 5.22
CA GLU B 167 4.83 -24.12 5.18
C GLU B 167 3.75 -23.93 6.26
N TYR B 168 3.00 -22.84 6.19
CA TYR B 168 1.86 -22.62 7.03
C TYR B 168 0.82 -23.75 6.81
N SER B 169 0.49 -24.01 5.55
CA SER B 169 -0.49 -25.04 5.19
C SER B 169 -0.08 -26.41 5.73
N ARG B 170 1.20 -26.76 5.58
CA ARG B 170 1.77 -27.99 6.15
CA ARG B 170 1.75 -28.00 6.14
C ARG B 170 1.51 -28.12 7.66
N VAL B 171 1.77 -27.03 8.41
CA VAL B 171 1.55 -27.05 9.86
C VAL B 171 0.09 -27.38 10.21
N LEU B 172 -0.85 -26.73 9.53
CA LEU B 172 -2.29 -27.01 9.66
C LEU B 172 -2.61 -28.46 9.30
N PHE B 173 -2.07 -28.92 8.18
CA PHE B 173 -2.38 -30.27 7.70
C PHE B 173 -1.85 -31.31 8.69
N GLU B 174 -0.62 -31.12 9.16
CA GLU B 174 0.00 -32.09 10.06
C GLU B 174 -0.68 -32.13 11.43
N ASN B 175 -1.11 -30.97 11.92
CA ASN B 175 -1.75 -30.88 13.23
C ASN B 175 -3.26 -31.14 13.23
N PHE B 176 -3.93 -30.84 12.12
CA PHE B 176 -5.40 -30.87 12.10
C PHE B 176 -6.01 -31.83 11.08
N GLY B 177 -5.19 -32.37 10.18
CA GLY B 177 -5.68 -33.10 9.02
C GLY B 177 -6.22 -34.50 9.31
N ASP B 178 -5.87 -35.03 10.47
CA ASP B 178 -6.40 -36.31 10.94
C ASP B 178 -7.90 -36.24 11.21
N ARG B 179 -8.39 -35.05 11.53
CA ARG B 179 -9.81 -34.82 11.82
C ARG B 179 -10.49 -33.92 10.81
N VAL B 180 -9.78 -32.90 10.34
CA VAL B 180 -10.32 -32.05 9.29
C VAL B 180 -9.96 -32.64 7.92
N LYS B 181 -11.00 -32.93 7.13
CA LYS B 181 -10.85 -33.56 5.81
C LYS B 181 -11.39 -32.67 4.70
N ASN B 182 -11.89 -31.49 5.06
CA ASN B 182 -12.43 -30.55 4.09
C ASN B 182 -11.75 -29.18 4.25
N TRP B 183 -11.06 -28.74 3.21
CA TRP B 183 -10.13 -27.62 3.31
C TRP B 183 -10.27 -26.61 2.17
N ILE B 184 -10.05 -25.33 2.48
CA ILE B 184 -10.14 -24.28 1.47
C ILE B 184 -8.82 -23.54 1.61
N THR B 185 -8.09 -23.39 0.51
CA THR B 185 -6.81 -22.66 0.55
C THR B 185 -7.09 -21.17 0.82
N LEU B 186 -7.82 -20.55 -0.08
CA LEU B 186 -7.96 -19.09 -0.06
C LEU B 186 -9.42 -18.68 -0.14
N ASN B 187 -9.82 -17.74 0.72
CA ASN B 187 -11.08 -17.02 0.49
C ASN B 187 -10.87 -15.82 -0.40
N GLU B 188 -11.47 -15.87 -1.60
CA GLU B 188 -11.64 -14.69 -2.47
C GLU B 188 -10.30 -14.02 -2.80
N PRO B 189 -9.41 -14.75 -3.48
CA PRO B 189 -8.17 -14.09 -3.92
C PRO B 189 -8.37 -12.81 -4.72
N TRP B 190 -9.49 -12.69 -5.47
CA TRP B 190 -9.72 -11.45 -6.22
C TRP B 190 -9.77 -10.25 -5.25
N VAL B 191 -10.45 -10.44 -4.11
CA VAL B 191 -10.59 -9.37 -3.09
C VAL B 191 -9.23 -9.08 -2.45
N VAL B 192 -8.56 -10.13 -2.00
CA VAL B 192 -7.25 -10.01 -1.39
C VAL B 192 -6.32 -9.18 -2.28
N ALA B 193 -6.27 -9.48 -3.57
CA ALA B 193 -5.36 -8.80 -4.52
C ALA B 193 -5.89 -7.40 -4.86
N ILE B 194 -7.10 -7.34 -5.39
CA ILE B 194 -7.62 -6.08 -5.94
C ILE B 194 -8.10 -5.09 -4.88
N VAL B 195 -8.91 -5.56 -3.95
CA VAL B 195 -9.42 -4.67 -2.91
C VAL B 195 -8.31 -4.28 -1.92
N GLY B 196 -7.37 -5.18 -1.66
CA GLY B 196 -6.29 -4.88 -0.71
C GLY B 196 -5.10 -4.15 -1.32
N HIS B 197 -4.90 -4.30 -2.65
CA HIS B 197 -3.67 -3.79 -3.28
C HIS B 197 -3.86 -2.84 -4.46
N LEU B 198 -5.10 -2.73 -4.97
CA LEU B 198 -5.42 -1.75 -5.99
C LEU B 198 -6.35 -0.68 -5.47
N TYR B 199 -7.43 -1.07 -4.81
CA TYR B 199 -8.39 -0.08 -4.27
C TYR B 199 -7.96 0.48 -2.95
N GLY B 200 -7.16 -0.29 -2.21
CA GLY B 200 -6.62 0.16 -0.92
C GLY B 200 -7.66 0.16 0.21
N VAL B 201 -8.79 -0.49 -0.01
CA VAL B 201 -9.98 -0.48 0.88
C VAL B 201 -9.86 -1.53 1.98
N HIS B 202 -9.12 -2.59 1.68
CA HIS B 202 -8.80 -3.65 2.63
C HIS B 202 -7.29 -3.71 2.87
N ALA B 203 -6.89 -4.34 3.97
CA ALA B 203 -5.47 -4.53 4.29
C ALA B 203 -4.78 -5.25 3.14
N PRO B 204 -3.53 -4.85 2.83
CA PRO B 204 -2.67 -3.86 3.49
C PRO B 204 -2.88 -2.41 3.07
N GLY B 205 -3.94 -2.12 2.32
CA GLY B 205 -4.32 -0.74 2.02
C GLY B 205 -3.49 -0.05 0.96
N MET B 206 -3.11 -0.80 -0.07
CA MET B 206 -2.26 -0.29 -1.14
CA MET B 206 -2.27 -0.26 -1.14
C MET B 206 -3.06 0.05 -2.40
N ARG B 207 -2.53 0.96 -3.22
CA ARG B 207 -3.11 1.29 -4.53
CA ARG B 207 -3.10 1.29 -4.53
C ARG B 207 -2.05 1.26 -5.62
N ASP B 208 -1.76 0.07 -6.14
CA ASP B 208 -0.75 -0.10 -7.16
C ASP B 208 -1.14 -1.28 -8.02
N ILE B 209 -1.45 -1.03 -9.29
CA ILE B 209 -2.02 -2.09 -10.14
C ILE B 209 -0.99 -3.19 -10.49
N TYR B 210 0.29 -2.82 -10.54
CA TYR B 210 1.33 -3.81 -10.83
C TYR B 210 1.47 -4.72 -9.63
N VAL B 211 1.45 -4.14 -8.44
CA VAL B 211 1.48 -4.98 -7.22
C VAL B 211 0.25 -5.89 -7.18
N ALA B 212 -0.93 -5.32 -7.45
CA ALA B 212 -2.19 -6.09 -7.38
C ALA B 212 -2.18 -7.31 -8.31
N PHE B 213 -1.70 -7.16 -9.54
CA PHE B 213 -1.63 -8.35 -10.44
C PHE B 213 -0.54 -9.35 -10.06
N ARG B 214 0.51 -8.85 -9.43
CA ARG B 214 1.49 -9.79 -8.86
C ARG B 214 0.91 -10.58 -7.69
N ALA B 215 0.13 -9.91 -6.84
CA ALA B 215 -0.60 -10.59 -5.79
C ALA B 215 -1.57 -11.66 -6.39
N VAL B 216 -2.31 -11.29 -7.44
CA VAL B 216 -3.17 -12.30 -8.15
C VAL B 216 -2.38 -13.56 -8.49
N HIS B 217 -1.25 -13.34 -9.15
CA HIS B 217 -0.36 -14.42 -9.57
C HIS B 217 0.25 -15.20 -8.41
N ASN B 218 0.73 -14.50 -7.39
CA ASN B 218 1.27 -15.22 -6.21
C ASN B 218 0.19 -15.95 -5.40
N LEU B 219 -1.04 -15.43 -5.43
CA LEU B 219 -2.13 -16.15 -4.76
C LEU B 219 -2.31 -17.52 -5.41
N LEU B 220 -2.34 -17.55 -6.74
CA LEU B 220 -2.44 -18.84 -7.45
C LEU B 220 -1.25 -19.77 -7.16
N ARG B 221 -0.04 -19.22 -7.18
CA ARG B 221 1.14 -20.01 -6.89
C ARG B 221 1.10 -20.59 -5.46
N ALA B 222 0.72 -19.78 -4.48
CA ALA B 222 0.61 -20.23 -3.09
C ALA B 222 -0.49 -21.30 -2.94
N HIS B 223 -1.65 -21.04 -3.54
CA HIS B 223 -2.72 -22.03 -3.56
C HIS B 223 -2.22 -23.41 -4.05
N ALA B 224 -1.55 -23.43 -5.19
CA ALA B 224 -1.10 -24.66 -5.82
C ALA B 224 -0.09 -25.37 -4.95
N ARG B 225 0.83 -24.62 -4.33
CA ARG B 225 1.83 -25.19 -3.42
C ARG B 225 1.16 -25.85 -2.23
N ALA B 226 0.13 -25.21 -1.68
CA ALA B 226 -0.62 -25.76 -0.56
C ALA B 226 -1.34 -27.04 -0.96
N VAL B 227 -1.97 -27.05 -2.14
CA VAL B 227 -2.68 -28.27 -2.61
C VAL B 227 -1.67 -29.43 -2.77
N LYS B 228 -0.51 -29.14 -3.38
CA LYS B 228 0.56 -30.14 -3.51
C LYS B 228 1.02 -30.70 -2.15
N VAL B 229 1.19 -29.84 -1.14
CA VAL B 229 1.52 -30.27 0.23
C VAL B 229 0.37 -31.10 0.85
N PHE B 230 -0.86 -30.71 0.49
CA PHE B 230 -2.03 -31.38 0.99
C PHE B 230 -2.01 -32.84 0.56
N ARG B 231 -1.65 -33.10 -0.70
CA ARG B 231 -1.61 -34.48 -1.21
C ARG B 231 -0.62 -35.36 -0.44
N GLU B 232 0.48 -34.77 0.00
CA GLU B 232 1.54 -35.43 0.78
C GLU B 232 1.19 -35.67 2.25
N THR B 233 0.19 -34.96 2.78
CA THR B 233 -0.06 -34.91 4.21
C THR B 233 -1.48 -35.31 4.64
N VAL B 234 -2.44 -35.22 3.72
CA VAL B 234 -3.83 -35.67 3.96
C VAL B 234 -4.32 -36.44 2.71
N LYS B 235 -4.08 -37.74 2.67
CA LYS B 235 -4.36 -38.56 1.46
C LYS B 235 -5.78 -39.17 1.39
N ASP B 236 -6.74 -38.45 1.95
CA ASP B 236 -8.08 -38.91 2.31
C ASP B 236 -9.02 -37.69 2.50
N GLY B 237 -8.50 -36.51 2.21
CA GLY B 237 -9.25 -35.27 2.41
C GLY B 237 -9.57 -34.66 1.06
N LYS B 238 -10.32 -33.57 1.08
CA LYS B 238 -10.54 -32.81 -0.12
C LYS B 238 -10.17 -31.35 0.10
N ILE B 239 -9.71 -30.72 -0.97
CA ILE B 239 -9.24 -29.34 -0.94
C ILE B 239 -9.76 -28.58 -2.14
N GLY B 240 -10.15 -27.33 -1.89
CA GLY B 240 -10.66 -26.45 -2.92
C GLY B 240 -10.24 -25.03 -2.64
N ILE B 241 -10.93 -24.11 -3.25
CA ILE B 241 -10.57 -22.69 -3.23
C ILE B 241 -11.90 -21.98 -3.44
N VAL B 242 -12.02 -20.79 -2.87
CA VAL B 242 -13.27 -20.05 -2.85
C VAL B 242 -13.18 -18.73 -3.60
N PHE B 243 -14.17 -18.46 -4.48
CA PHE B 243 -14.21 -17.23 -5.26
C PHE B 243 -15.47 -16.41 -4.99
N ASN B 244 -15.30 -15.09 -4.91
CA ASN B 244 -16.43 -14.18 -4.97
C ASN B 244 -16.92 -14.17 -6.40
N ASN B 245 -18.22 -13.94 -6.55
CA ASN B 245 -18.87 -13.88 -7.83
C ASN B 245 -20.07 -12.92 -7.75
N GLY B 246 -20.28 -12.15 -8.81
CA GLY B 246 -21.47 -11.33 -8.96
C GLY B 246 -22.17 -11.76 -10.24
N TYR B 247 -23.47 -11.51 -10.32
CA TYR B 247 -24.17 -11.76 -11.57
C TYR B 247 -24.26 -10.46 -12.36
N PHE B 248 -23.44 -10.36 -13.40
CA PHE B 248 -23.38 -9.17 -14.25
C PHE B 248 -24.34 -9.27 -15.43
N GLU B 249 -25.20 -8.27 -15.59
CA GLU B 249 -26.09 -8.18 -16.75
C GLU B 249 -25.79 -6.88 -17.49
N PRO B 250 -26.01 -6.84 -18.83
CA PRO B 250 -25.72 -5.66 -19.62
C PRO B 250 -26.83 -4.61 -19.58
N ALA B 251 -26.44 -3.35 -19.58
CA ALA B 251 -27.39 -2.23 -19.44
C ALA B 251 -28.31 -2.16 -20.64
N SER B 252 -27.81 -2.58 -21.80
CA SER B 252 -28.62 -2.71 -23.01
C SER B 252 -28.14 -3.92 -23.80
N GLU B 253 -28.86 -4.25 -24.87
CA GLU B 253 -28.32 -5.11 -25.92
C GLU B 253 -27.24 -4.24 -26.55
N LYS B 254 -26.61 -4.68 -27.62
CA LYS B 254 -25.55 -3.88 -28.24
C LYS B 254 -24.18 -4.34 -27.77
N GLU B 255 -23.32 -4.58 -28.77
CA GLU B 255 -21.98 -5.14 -28.61
C GLU B 255 -21.32 -4.81 -27.28
N GLU B 256 -21.04 -3.54 -27.08
CA GLU B 256 -20.07 -3.13 -26.09
C GLU B 256 -20.50 -3.35 -24.63
N ASP B 257 -21.81 -3.34 -24.36
CA ASP B 257 -22.31 -3.62 -23.01
C ASP B 257 -22.26 -5.10 -22.70
N ILE B 258 -22.52 -5.92 -23.73
CA ILE B 258 -22.47 -7.38 -23.60
C ILE B 258 -21.03 -7.87 -23.39
N ARG B 259 -20.08 -7.24 -24.10
CA ARG B 259 -18.65 -7.53 -23.95
CA ARG B 259 -18.68 -7.55 -23.94
C ARG B 259 -18.17 -7.05 -22.58
N ALA B 260 -18.74 -5.95 -22.10
CA ALA B 260 -18.42 -5.42 -20.78
C ALA B 260 -18.80 -6.43 -19.72
N VAL B 261 -19.95 -7.08 -19.88
CA VAL B 261 -20.36 -8.16 -18.98
C VAL B 261 -19.33 -9.29 -19.03
N ARG B 262 -18.90 -9.64 -20.24
CA ARG B 262 -17.94 -10.73 -20.45
CA ARG B 262 -17.96 -10.74 -20.44
C ARG B 262 -16.65 -10.41 -19.69
N PHE B 263 -16.16 -9.18 -19.84
CA PHE B 263 -14.96 -8.75 -19.11
C PHE B 263 -15.17 -8.87 -17.60
N MET B 264 -16.31 -8.42 -17.08
CA MET B 264 -16.53 -8.42 -15.63
C MET B 264 -16.61 -9.82 -15.10
N HIS B 265 -17.22 -10.71 -15.89
CA HIS B 265 -17.28 -12.12 -15.47
C HIS B 265 -15.84 -12.67 -15.42
N GLN B 266 -15.08 -12.45 -16.48
CA GLN B 266 -13.71 -13.00 -16.57
C GLN B 266 -12.77 -12.44 -15.50
N PHE B 267 -12.98 -11.17 -15.12
CA PHE B 267 -12.08 -10.50 -14.17
C PHE B 267 -12.53 -10.64 -12.70
N ASN B 268 -13.81 -10.37 -12.43
CA ASN B 268 -14.36 -10.35 -11.08
CA ASN B 268 -14.32 -10.35 -11.06
C ASN B 268 -14.79 -11.70 -10.56
N ASN B 269 -15.13 -12.62 -11.47
CA ASN B 269 -15.64 -13.92 -11.08
C ASN B 269 -14.57 -15.04 -11.15
N TYR B 270 -14.99 -16.28 -10.82
CA TYR B 270 -14.06 -17.45 -10.83
C TYR B 270 -13.09 -17.61 -12.03
N PRO B 271 -13.46 -17.17 -13.27
CA PRO B 271 -12.53 -17.44 -14.38
C PRO B 271 -11.11 -16.90 -14.17
N LEU B 272 -10.95 -15.79 -13.46
CA LEU B 272 -9.62 -15.18 -13.29
C LEU B 272 -8.66 -16.23 -12.73
N PHE B 273 -9.19 -17.11 -11.90
CA PHE B 273 -8.39 -18.14 -11.21
C PHE B 273 -8.59 -19.52 -11.78
N LEU B 274 -9.81 -19.80 -12.20
CA LEU B 274 -10.08 -21.12 -12.78
C LEU B 274 -9.58 -21.29 -14.20
N ASN B 275 -9.44 -20.20 -14.96
CA ASN B 275 -8.80 -20.35 -16.26
C ASN B 275 -7.31 -20.78 -16.10
N PRO B 276 -6.55 -20.10 -15.20
CA PRO B 276 -5.23 -20.65 -14.84
C PRO B 276 -5.23 -22.10 -14.36
N ILE B 277 -6.07 -22.41 -13.37
CA ILE B 277 -6.07 -23.74 -12.74
C ILE B 277 -6.47 -24.84 -13.73
N TYR B 278 -7.53 -24.58 -14.51
CA TYR B 278 -8.00 -25.57 -15.49
C TYR B 278 -7.40 -25.50 -16.89
N ARG B 279 -7.00 -24.30 -17.34
CA ARG B 279 -6.55 -24.15 -18.72
C ARG B 279 -5.10 -23.64 -18.87
N GLY B 280 -4.47 -23.23 -17.78
CA GLY B 280 -3.04 -22.85 -17.84
C GLY B 280 -2.74 -21.46 -18.37
N ASP B 281 -3.75 -20.58 -18.41
CA ASP B 281 -3.54 -19.15 -18.65
C ASP B 281 -4.68 -18.32 -18.05
N TYR B 282 -4.46 -17.02 -17.92
CA TYR B 282 -5.52 -16.10 -17.50
C TYR B 282 -6.55 -15.96 -18.64
N PRO B 283 -7.80 -15.58 -18.31
CA PRO B 283 -8.78 -15.41 -19.39
C PRO B 283 -8.36 -14.34 -20.41
N GLU B 284 -8.81 -14.52 -21.65
CA GLU B 284 -8.46 -13.66 -22.75
C GLU B 284 -8.65 -12.15 -22.50
N LEU B 285 -9.80 -11.77 -21.95
CA LEU B 285 -10.07 -10.33 -21.78
C LEU B 285 -9.30 -9.76 -20.59
N VAL B 286 -8.94 -10.62 -19.63
CA VAL B 286 -8.10 -10.20 -18.49
C VAL B 286 -6.69 -9.87 -19.02
N LEU B 287 -6.17 -10.75 -19.88
CA LEU B 287 -4.90 -10.49 -20.54
C LEU B 287 -4.91 -9.22 -21.41
N GLU B 288 -6.01 -8.97 -22.12
CA GLU B 288 -6.11 -7.76 -22.93
CA GLU B 288 -6.13 -7.75 -22.94
C GLU B 288 -5.97 -6.51 -22.05
N PHE B 289 -6.63 -6.55 -20.90
CA PHE B 289 -6.59 -5.46 -19.91
C PHE B 289 -5.23 -5.38 -19.18
N ALA B 290 -4.74 -6.53 -18.71
CA ALA B 290 -3.73 -6.54 -17.65
C ALA B 290 -2.40 -7.22 -17.93
N ARG B 291 -2.14 -7.63 -19.18
CA ARG B 291 -0.86 -8.28 -19.50
CA ARG B 291 -0.86 -8.28 -19.49
C ARG B 291 0.34 -7.44 -19.02
N GLU B 292 0.28 -6.12 -19.25
CA GLU B 292 1.35 -5.18 -18.86
CA GLU B 292 1.40 -5.25 -18.86
C GLU B 292 1.65 -5.21 -17.34
N TYR B 293 0.67 -5.64 -16.55
CA TYR B 293 0.79 -5.60 -15.07
C TYR B 293 1.23 -6.92 -14.47
N LEU B 294 1.11 -8.00 -15.24
CA LEU B 294 1.48 -9.32 -14.74
C LEU B 294 2.98 -9.50 -14.78
N PRO B 295 3.52 -10.39 -13.95
CA PRO B 295 4.97 -10.58 -14.03
C PRO B 295 5.44 -11.03 -15.42
N GLU B 296 6.64 -10.57 -15.76
N GLU B 296 6.67 -10.66 -15.78
CA GLU B 296 7.40 -11.17 -16.83
CA GLU B 296 7.23 -10.92 -17.11
C GLU B 296 7.52 -12.64 -16.55
C GLU B 296 7.01 -12.32 -17.72
N ASN B 297 7.26 -13.43 -17.58
N ASN B 297 7.48 -13.32 -17.01
CA ASN B 297 7.40 -14.87 -17.48
CA ASN B 297 7.37 -14.71 -17.44
C ASN B 297 6.37 -15.52 -16.56
C ASN B 297 6.38 -15.48 -16.60
N TYR B 298 5.24 -14.84 -16.31
CA TYR B 298 4.19 -15.43 -15.44
C TYR B 298 3.77 -16.83 -15.95
N LYS B 299 3.80 -17.02 -17.26
CA LYS B 299 3.27 -18.27 -17.80
C LYS B 299 4.14 -19.47 -17.43
N ASP B 300 5.40 -19.19 -17.06
CA ASP B 300 6.31 -20.22 -16.56
C ASP B 300 5.77 -20.93 -15.32
N ASP B 301 4.91 -20.26 -14.56
CA ASP B 301 4.39 -20.84 -13.35
C ASP B 301 3.09 -21.57 -13.59
N MET B 302 2.56 -21.51 -14.80
CA MET B 302 1.20 -22.04 -15.03
C MET B 302 1.10 -23.56 -14.92
N SER B 303 2.16 -24.26 -15.31
CA SER B 303 2.15 -25.72 -15.19
CA SER B 303 2.15 -25.72 -15.19
C SER B 303 1.95 -26.13 -13.75
N GLU B 304 2.61 -25.41 -12.84
CA GLU B 304 2.52 -25.67 -11.40
C GLU B 304 1.14 -25.26 -10.88
N ILE B 305 0.59 -24.19 -11.43
CA ILE B 305 -0.70 -23.66 -10.96
C ILE B 305 -1.86 -24.64 -11.20
N GLN B 306 -1.73 -25.47 -12.22
CA GLN B 306 -2.77 -26.44 -12.58
C GLN B 306 -2.87 -27.69 -11.72
N GLU B 307 -2.22 -27.66 -10.56
CA GLU B 307 -2.36 -28.69 -9.52
C GLU B 307 -3.83 -29.01 -9.30
N LYS B 308 -4.21 -30.28 -9.43
CA LYS B 308 -5.62 -30.69 -9.38
C LYS B 308 -6.33 -30.35 -8.05
N ILE B 309 -7.51 -29.73 -8.16
CA ILE B 309 -8.37 -29.43 -7.01
C ILE B 309 -9.60 -30.36 -6.96
N ASP B 310 -10.21 -30.50 -5.79
CA ASP B 310 -11.33 -31.43 -5.61
C ASP B 310 -12.67 -30.74 -5.75
N PHE B 311 -12.74 -29.46 -5.37
CA PHE B 311 -13.98 -28.73 -5.42
C PHE B 311 -13.72 -27.25 -5.63
N VAL B 312 -14.75 -26.56 -6.11
CA VAL B 312 -14.76 -25.10 -6.22
C VAL B 312 -15.80 -24.57 -5.25
N GLY B 313 -15.40 -23.61 -4.41
CA GLY B 313 -16.34 -22.90 -3.56
C GLY B 313 -16.72 -21.61 -4.24
N LEU B 314 -18.03 -21.37 -4.38
CA LEU B 314 -18.55 -20.11 -4.91
C LEU B 314 -19.29 -19.31 -3.84
N ASN B 315 -18.88 -18.06 -3.67
CA ASN B 315 -19.60 -17.12 -2.84
C ASN B 315 -20.49 -16.31 -3.75
N TYR B 316 -21.71 -16.04 -3.32
CA TYR B 316 -22.63 -15.25 -4.11
C TYR B 316 -23.58 -14.45 -3.21
N TYR B 317 -23.78 -13.21 -3.60
CA TYR B 317 -24.53 -12.25 -2.81
C TYR B 317 -25.38 -11.34 -3.69
N SER B 318 -24.84 -10.91 -4.82
CA SER B 318 -25.44 -9.78 -5.48
C SER B 318 -25.34 -9.76 -6.98
N GLY B 319 -26.22 -8.96 -7.61
CA GLY B 319 -26.17 -8.71 -9.05
C GLY B 319 -25.90 -7.25 -9.39
N HIS B 320 -25.43 -7.03 -10.62
CA HIS B 320 -24.98 -5.72 -11.05
C HIS B 320 -25.31 -5.54 -12.49
N LEU B 321 -25.85 -4.37 -12.81
CA LEU B 321 -26.07 -3.99 -14.19
C LEU B 321 -24.85 -3.22 -14.63
N VAL B 322 -24.36 -3.52 -15.82
CA VAL B 322 -23.06 -3.04 -16.26
C VAL B 322 -23.12 -2.51 -17.69
N LYS B 323 -22.29 -1.51 -17.99
CA LYS B 323 -22.18 -0.95 -19.34
C LYS B 323 -20.73 -0.60 -19.72
N PHE B 324 -20.47 -0.58 -21.02
CA PHE B 324 -19.23 -0.06 -21.57
C PHE B 324 -19.18 1.44 -21.29
N ASP B 325 -17.99 1.96 -20.99
CA ASP B 325 -17.76 3.36 -20.63
C ASP B 325 -16.29 3.70 -20.89
N PRO B 326 -16.01 4.58 -21.88
CA PRO B 326 -14.62 4.77 -22.30
C PRO B 326 -13.76 5.53 -21.26
N ASP B 327 -14.40 6.05 -20.22
CA ASP B 327 -13.73 6.85 -19.20
C ASP B 327 -13.44 6.08 -17.92
N ALA B 328 -14.05 4.89 -17.78
CA ALA B 328 -13.92 4.07 -16.58
C ALA B 328 -12.80 3.05 -16.70
N ALA B 330 -11.09 0.15 -16.55
CA ALA B 330 -11.25 -1.08 -17.33
C ALA B 330 -12.35 -0.99 -18.39
N LYS B 331 -12.82 0.23 -18.65
CA LYS B 331 -13.85 0.54 -19.65
C LYS B 331 -15.24 0.01 -19.34
N VAL B 332 -15.53 -0.13 -18.04
CA VAL B 332 -16.79 -0.65 -17.58
C VAL B 332 -17.26 0.14 -16.37
N SER B 333 -18.51 0.63 -16.43
CA SER B 333 -19.12 1.24 -15.26
C SER B 333 -20.40 0.55 -14.83
N PHE B 334 -20.64 0.57 -13.53
CA PHE B 334 -21.85 0.03 -12.95
C PHE B 334 -23.02 1.00 -13.14
N VAL B 335 -24.22 0.43 -13.25
CA VAL B 335 -25.43 1.22 -13.47
C VAL B 335 -26.45 0.82 -12.42
N GLU B 336 -26.84 1.78 -11.59
CA GLU B 336 -27.76 1.49 -10.50
C GLU B 336 -29.15 1.10 -11.04
N ARG B 337 -29.78 0.17 -10.32
CA ARG B 337 -31.13 -0.32 -10.66
C ARG B 337 -31.98 -0.18 -9.41
N ASP B 338 -33.28 -0.40 -9.55
CA ASP B 338 -34.12 -0.44 -8.34
C ASP B 338 -33.88 -1.70 -7.55
N LEU B 339 -34.62 -2.76 -7.86
CA LEU B 339 -34.58 -4.00 -7.11
C LEU B 339 -34.46 -3.80 -5.60
N PRO B 340 -34.97 -4.74 -4.80
CA PRO B 340 -34.69 -4.68 -3.36
C PRO B 340 -33.18 -4.71 -3.10
N LYS B 341 -32.72 -3.87 -2.17
CA LYS B 341 -31.30 -3.86 -1.75
C LYS B 341 -31.17 -4.21 -0.28
N THR B 342 -29.97 -4.69 0.10
CA THR B 342 -29.70 -4.96 1.50
C THR B 342 -29.10 -3.68 2.07
N ALA B 343 -28.85 -3.70 3.38
CA ALA B 343 -28.17 -2.62 4.09
C ALA B 343 -26.80 -2.26 3.49
N MET B 344 -26.18 -3.17 2.74
CA MET B 344 -24.90 -2.91 2.00
C MET B 344 -25.15 -2.13 0.74
N GLY B 345 -26.40 -2.05 0.32
CA GLY B 345 -26.76 -1.41 -0.94
C GLY B 345 -26.68 -2.36 -2.12
N TRP B 346 -26.54 -3.65 -1.81
CA TRP B 346 -26.39 -4.67 -2.85
C TRP B 346 -27.74 -5.21 -3.29
N GLU B 347 -27.93 -5.23 -4.61
CA GLU B 347 -29.18 -5.67 -5.25
C GLU B 347 -29.39 -7.18 -5.13
N ILE B 348 -30.60 -7.52 -4.69
CA ILE B 348 -31.02 -8.90 -4.47
C ILE B 348 -31.55 -9.44 -5.78
N VAL B 349 -30.77 -10.33 -6.40
CA VAL B 349 -31.06 -10.90 -7.72
C VAL B 349 -30.82 -12.42 -7.59
N PRO B 350 -31.79 -13.14 -7.00
CA PRO B 350 -31.57 -14.54 -6.60
C PRO B 350 -31.18 -15.47 -7.73
N GLU B 351 -31.60 -15.15 -8.96
CA GLU B 351 -31.34 -15.99 -10.12
C GLU B 351 -29.85 -15.93 -10.51
N GLY B 352 -29.14 -14.96 -9.93
CA GLY B 352 -27.69 -14.89 -10.12
C GLY B 352 -26.94 -16.10 -9.58
N ILE B 353 -27.47 -16.72 -8.52
CA ILE B 353 -26.85 -17.92 -7.94
C ILE B 353 -27.06 -19.14 -8.84
N TYR B 354 -28.18 -19.17 -9.56
CA TYR B 354 -28.43 -20.19 -10.55
C TYR B 354 -27.47 -20.00 -11.72
N TRP B 355 -27.39 -18.76 -12.21
CA TRP B 355 -26.53 -18.41 -13.33
C TRP B 355 -25.06 -18.80 -13.08
N ILE B 356 -24.54 -18.44 -11.91
CA ILE B 356 -23.13 -18.67 -11.59
C ILE B 356 -22.83 -20.18 -11.46
N LEU B 357 -23.80 -20.93 -10.93
CA LEU B 357 -23.67 -22.38 -10.78
C LEU B 357 -23.70 -23.10 -12.12
N LYS B 358 -24.60 -22.67 -13.00
CA LYS B 358 -24.68 -23.23 -14.36
C LYS B 358 -23.43 -22.90 -15.14
N LYS B 359 -23.03 -21.62 -15.08
CA LYS B 359 -21.87 -21.13 -15.82
C LYS B 359 -20.56 -21.83 -15.42
N VAL B 360 -20.36 -22.11 -14.14
CA VAL B 360 -19.12 -22.77 -13.70
C VAL B 360 -19.04 -24.20 -14.23
N LYS B 361 -20.18 -24.88 -14.31
CA LYS B 361 -20.22 -26.23 -14.86
C LYS B 361 -19.95 -26.19 -16.36
N GLU B 362 -20.54 -25.23 -17.06
CA GLU B 362 -20.40 -25.08 -18.50
CA GLU B 362 -20.37 -25.09 -18.50
C GLU B 362 -18.95 -24.69 -18.91
N GLU B 363 -18.33 -23.80 -18.15
CA GLU B 363 -16.98 -23.35 -18.50
C GLU B 363 -15.83 -24.25 -18.03
N TYR B 364 -15.91 -24.76 -16.81
CA TYR B 364 -14.77 -25.51 -16.23
C TYR B 364 -15.16 -26.91 -15.78
N ASN B 365 -16.46 -27.14 -15.60
CA ASN B 365 -16.96 -28.45 -15.17
C ASN B 365 -16.16 -29.03 -14.00
N PRO B 366 -16.13 -28.31 -12.84
CA PRO B 366 -15.50 -28.85 -11.65
C PRO B 366 -16.28 -30.11 -11.18
N PRO B 367 -15.57 -31.08 -10.55
CA PRO B 367 -16.28 -32.29 -10.06
C PRO B 367 -17.28 -32.00 -8.95
N GLU B 368 -16.95 -31.07 -8.05
CA GLU B 368 -17.83 -30.67 -6.97
C GLU B 368 -17.86 -29.15 -6.85
N VAL B 369 -19.04 -28.63 -6.54
CA VAL B 369 -19.24 -27.22 -6.21
C VAL B 369 -19.87 -27.10 -4.83
N TYR B 370 -19.50 -26.04 -4.10
CA TYR B 370 -20.19 -25.64 -2.88
C TYR B 370 -20.51 -24.16 -2.99
N ILE B 371 -21.64 -23.75 -2.41
CA ILE B 371 -21.89 -22.35 -2.13
C ILE B 371 -21.29 -22.12 -0.75
N THR B 372 -20.15 -21.44 -0.71
CA THR B 372 -19.40 -21.29 0.55
C THR B 372 -19.79 -20.06 1.36
N GLU B 373 -20.56 -19.17 0.74
CA GLU B 373 -21.18 -18.02 1.40
C GLU B 373 -22.37 -17.56 0.61
N ASN B 374 -23.46 -17.28 1.31
CA ASN B 374 -24.59 -16.57 0.71
C ASN B 374 -25.30 -15.97 1.90
N GLY B 375 -25.72 -14.70 1.81
CA GLY B 375 -26.32 -14.03 2.97
C GLY B 375 -26.71 -12.61 2.70
N ALA B 376 -27.19 -11.92 3.74
CA ALA B 376 -27.56 -10.52 3.61
C ALA B 376 -27.40 -9.72 4.90
N ALA B 377 -27.12 -8.44 4.72
CA ALA B 377 -27.14 -7.47 5.81
C ALA B 377 -28.45 -6.67 5.75
N PHE B 378 -29.07 -6.53 6.92
CA PHE B 378 -30.30 -5.75 7.10
C PHE B 378 -30.21 -5.07 8.46
N ASP B 379 -31.00 -4.02 8.67
CA ASP B 379 -30.94 -3.27 9.94
C ASP B 379 -31.73 -4.00 11.04
N ASP B 380 -31.10 -5.01 11.62
CA ASP B 380 -31.78 -5.89 12.58
C ASP B 380 -32.02 -5.18 13.90
N VAL B 381 -33.13 -5.53 14.55
CA VAL B 381 -33.58 -4.86 15.77
C VAL B 381 -34.16 -5.90 16.70
N VAL B 382 -33.85 -5.79 17.99
CA VAL B 382 -34.42 -6.72 18.97
C VAL B 382 -35.78 -6.18 19.38
N SER B 383 -36.82 -7.00 19.25
CA SER B 383 -38.18 -6.57 19.58
C SER B 383 -38.38 -6.68 21.08
N GLU B 384 -39.44 -6.03 21.60
CA GLU B 384 -39.78 -6.09 23.02
C GLU B 384 -39.88 -7.52 23.51
N ASP B 385 -40.28 -8.42 22.62
CA ASP B 385 -40.33 -9.87 22.92
C ASP B 385 -38.94 -10.54 22.96
N GLY B 386 -37.87 -9.74 22.81
CA GLY B 386 -36.49 -10.26 22.85
C GLY B 386 -36.13 -11.10 21.64
N ARG B 387 -36.89 -10.92 20.56
CA ARG B 387 -36.65 -11.62 19.31
C ARG B 387 -36.27 -10.66 18.20
N VAL B 388 -35.66 -11.20 17.13
CA VAL B 388 -35.31 -10.41 15.97
C VAL B 388 -36.12 -10.96 14.81
N HIS B 389 -37.08 -10.17 14.34
CA HIS B 389 -38.03 -10.63 13.33
C HIS B 389 -37.54 -10.27 11.93
N ASP B 390 -36.42 -10.88 11.57
CA ASP B 390 -35.74 -10.63 10.29
C ASP B 390 -36.35 -11.47 9.16
N GLN B 391 -37.61 -11.15 8.85
CA GLN B 391 -38.30 -11.77 7.73
C GLN B 391 -37.60 -11.46 6.40
N ASN B 392 -36.93 -10.30 6.34
CA ASN B 392 -36.19 -9.89 5.12
C ASN B 392 -35.02 -10.81 4.81
N ARG B 393 -34.30 -11.24 5.83
CA ARG B 393 -33.22 -12.20 5.64
C ARG B 393 -33.79 -13.58 5.28
N ILE B 394 -34.90 -13.96 5.92
CA ILE B 394 -35.56 -15.21 5.54
C ILE B 394 -35.91 -15.22 4.07
N ASP B 395 -36.54 -14.13 3.62
CA ASP B 395 -36.92 -14.00 2.21
C ASP B 395 -35.71 -14.14 1.31
N TYR B 396 -34.68 -13.36 1.60
CA TYR B 396 -33.42 -13.42 0.82
C TYR B 396 -32.88 -14.86 0.71
N LEU B 397 -32.66 -15.50 1.85
CA LEU B 397 -32.09 -16.83 1.88
C LEU B 397 -32.95 -17.83 1.13
N LYS B 398 -34.26 -17.74 1.35
CA LYS B 398 -35.22 -18.66 0.73
C LYS B 398 -35.12 -18.62 -0.79
N ALA B 399 -35.11 -17.42 -1.36
CA ALA B 399 -35.07 -17.25 -2.81
C ALA B 399 -33.78 -17.80 -3.41
N HIS B 400 -32.70 -17.72 -2.65
CA HIS B 400 -31.40 -18.16 -3.14
C HIS B 400 -31.21 -19.67 -3.02
N ILE B 401 -31.60 -20.23 -1.88
CA ILE B 401 -31.57 -21.66 -1.66
C ILE B 401 -32.43 -22.33 -2.75
N GLY B 402 -33.52 -21.67 -3.12
CA GLY B 402 -34.42 -22.14 -4.16
C GLY B 402 -33.80 -22.19 -5.54
N GLN B 403 -33.03 -21.15 -5.88
CA GLN B 403 -32.36 -21.06 -7.17
C GLN B 403 -31.18 -22.03 -7.27
N ALA B 404 -30.52 -22.29 -6.15
CA ALA B 404 -29.50 -23.35 -6.04
C ALA B 404 -30.12 -24.73 -6.25
N TRP B 405 -31.26 -24.98 -5.62
CA TRP B 405 -32.02 -26.21 -5.89
C TRP B 405 -32.21 -26.42 -7.40
N LYS B 406 -32.65 -25.38 -8.10
CA LYS B 406 -32.87 -25.44 -9.54
C LYS B 406 -31.59 -25.81 -10.30
N ALA B 407 -30.46 -25.22 -9.89
CA ALA B 407 -29.18 -25.52 -10.50
C ALA B 407 -28.87 -27.02 -10.48
N ILE B 408 -29.02 -27.63 -9.31
CA ILE B 408 -28.83 -29.07 -9.15
C ILE B 408 -29.75 -29.83 -10.10
N GLN B 409 -30.99 -29.39 -10.22
CA GLN B 409 -31.97 -30.08 -11.06
C GLN B 409 -31.53 -30.12 -12.50
N GLU B 410 -30.67 -29.17 -12.88
CA GLU B 410 -30.12 -29.14 -14.23
C GLU B 410 -28.70 -29.72 -14.32
N GLY B 411 -28.26 -30.38 -13.25
CA GLY B 411 -27.05 -31.19 -13.28
C GLY B 411 -25.76 -30.59 -12.74
N VAL B 412 -25.86 -29.48 -12.03
CA VAL B 412 -24.69 -28.90 -11.34
C VAL B 412 -24.37 -29.73 -10.10
N PRO B 413 -23.13 -30.24 -10.00
CA PRO B 413 -22.72 -31.06 -8.86
C PRO B 413 -22.54 -30.29 -7.54
N LEU B 414 -23.60 -29.60 -7.11
CA LEU B 414 -23.55 -28.80 -5.90
C LEU B 414 -23.76 -29.65 -4.64
N LYS B 415 -22.76 -29.64 -3.76
CA LYS B 415 -22.72 -30.57 -2.63
C LYS B 415 -23.10 -29.98 -1.27
N GLY B 416 -23.20 -28.65 -1.19
CA GLY B 416 -23.45 -28.01 0.10
C GLY B 416 -23.65 -26.51 -0.03
N TYR B 417 -24.13 -25.90 1.04
CA TYR B 417 -24.50 -24.49 1.03
C TYR B 417 -24.29 -23.92 2.43
N PHE B 418 -23.54 -22.82 2.51
CA PHE B 418 -23.18 -22.21 3.79
C PHE B 418 -23.73 -20.80 3.85
N VAL B 419 -24.38 -20.47 4.97
CA VAL B 419 -24.92 -19.14 5.16
C VAL B 419 -23.79 -18.28 5.73
N TRP B 420 -23.57 -17.12 5.13
CA TRP B 420 -22.81 -16.06 5.78
C TRP B 420 -23.81 -15.15 6.50
N SER B 421 -23.79 -15.08 7.82
CA SER B 421 -22.84 -15.74 8.68
C SER B 421 -23.60 -16.33 9.86
N LEU B 422 -22.96 -17.20 10.62
CA LEU B 422 -23.52 -17.64 11.92
C LEU B 422 -23.81 -16.45 12.83
N LEU B 423 -22.86 -15.53 12.95
CA LEU B 423 -22.95 -14.42 13.88
C LEU B 423 -22.89 -13.07 13.16
N ASP B 424 -23.58 -12.06 13.70
CA ASP B 424 -23.21 -10.67 13.33
C ASP B 424 -21.75 -10.48 13.70
N ASN B 425 -21.02 -9.73 12.89
CA ASN B 425 -19.58 -9.65 13.14
C ASN B 425 -18.92 -8.40 12.58
N PHE B 426 -17.60 -8.37 12.66
CA PHE B 426 -16.79 -7.26 12.14
C PHE B 426 -16.79 -7.31 10.60
N GLU B 427 -17.55 -6.41 9.99
CA GLU B 427 -17.70 -6.41 8.56
C GLU B 427 -16.61 -5.56 7.87
N TRP B 428 -15.35 -5.90 8.16
CA TRP B 428 -14.20 -5.33 7.46
C TRP B 428 -14.24 -3.80 7.53
N ALA B 429 -14.13 -3.10 6.40
CA ALA B 429 -14.13 -1.62 6.41
C ALA B 429 -15.42 -0.96 6.90
N GLU B 430 -16.49 -1.73 6.98
CA GLU B 430 -17.78 -1.23 7.49
C GLU B 430 -17.84 -1.33 9.01
N GLY B 431 -16.88 -2.05 9.60
CA GLY B 431 -16.91 -2.32 11.04
C GLY B 431 -18.15 -3.11 11.44
N TYR B 432 -18.67 -2.80 12.62
CA TYR B 432 -19.80 -3.52 13.22
C TYR B 432 -21.15 -2.99 12.76
N SER B 433 -21.11 -1.97 11.91
CA SER B 433 -22.32 -1.32 11.40
C SER B 433 -23.21 -2.23 10.53
N LYS B 434 -22.66 -3.33 10.01
CA LYS B 434 -23.40 -4.22 9.09
C LYS B 434 -23.53 -5.62 9.65
N ARG B 435 -24.76 -6.10 9.79
CA ARG B 435 -25.04 -7.35 10.52
C ARG B 435 -25.52 -8.42 9.54
N PHE B 436 -24.73 -9.50 9.39
CA PHE B 436 -25.01 -10.55 8.40
C PHE B 436 -25.52 -11.84 9.07
N GLY B 437 -25.57 -11.86 10.40
CA GLY B 437 -25.72 -13.09 11.15
C GLY B 437 -27.11 -13.69 11.05
N ILE B 438 -27.21 -14.99 11.31
CA ILE B 438 -28.54 -15.58 11.61
C ILE B 438 -28.70 -15.63 13.13
N VAL B 439 -27.63 -15.25 13.82
CA VAL B 439 -27.63 -15.00 15.25
C VAL B 439 -27.23 -13.53 15.43
N TYR B 440 -28.06 -12.79 16.17
CA TYR B 440 -27.79 -11.40 16.55
C TYR B 440 -26.77 -11.40 17.70
N VAL B 441 -25.86 -10.42 17.68
CA VAL B 441 -24.91 -10.24 18.77
C VAL B 441 -25.05 -8.81 19.32
N ASP B 442 -25.37 -8.73 20.60
CA ASP B 442 -25.41 -7.45 21.27
C ASP B 442 -24.00 -7.24 21.77
N TYR B 443 -23.30 -6.28 21.15
CA TYR B 443 -21.89 -6.05 21.43
C TYR B 443 -21.60 -5.52 22.83
N SER B 444 -22.61 -4.90 23.46
CA SER B 444 -22.45 -4.36 24.83
C SER B 444 -22.36 -5.44 25.91
N THR B 445 -23.08 -6.55 25.70
CA THR B 445 -23.07 -7.66 26.67
C THR B 445 -22.53 -8.96 26.12
N GLN B 446 -22.31 -8.98 24.80
CA GLN B 446 -21.94 -10.20 24.06
C GLN B 446 -23.05 -11.26 24.03
N LYS B 447 -24.28 -10.82 24.32
CA LYS B 447 -25.46 -11.70 24.28
C LYS B 447 -25.73 -12.13 22.84
N ARG B 448 -25.92 -13.44 22.65
CA ARG B 448 -26.40 -13.96 21.38
C ARG B 448 -27.91 -14.11 21.41
N ILE B 449 -28.59 -13.57 20.39
CA ILE B 449 -30.01 -13.84 20.20
C ILE B 449 -30.21 -14.44 18.83
N VAL B 450 -30.58 -15.72 18.80
CA VAL B 450 -30.95 -16.39 17.55
C VAL B 450 -32.06 -15.58 16.86
N LYS B 451 -31.86 -15.25 15.59
CA LYS B 451 -32.85 -14.49 14.83
C LYS B 451 -33.89 -15.45 14.27
N ASP B 452 -35.01 -14.93 13.78
CA ASP B 452 -35.99 -15.78 13.08
C ASP B 452 -35.40 -16.55 11.89
N SER B 453 -34.45 -15.91 11.18
CA SER B 453 -33.69 -16.60 10.13
C SER B 453 -32.97 -17.83 10.66
N GLY B 454 -32.43 -17.74 11.87
CA GLY B 454 -31.76 -18.88 12.51
C GLY B 454 -32.70 -20.05 12.69
N TYR B 455 -33.93 -19.76 13.16
CA TYR B 455 -34.96 -20.79 13.37
C TYR B 455 -35.48 -21.33 12.04
N TRP B 456 -35.68 -20.43 11.09
CA TRP B 456 -36.12 -20.81 9.74
C TRP B 456 -35.11 -21.73 9.02
N TYR B 457 -33.82 -21.40 9.14
CA TYR B 457 -32.77 -22.16 8.47
C TYR B 457 -32.61 -23.51 9.15
N SER B 458 -32.75 -23.51 10.47
CA SER B 458 -32.79 -24.73 11.27
C SER B 458 -33.83 -25.71 10.67
N ASN B 459 -34.99 -25.17 10.32
CA ASN B 459 -36.03 -25.98 9.69
CA ASN B 459 -36.06 -25.93 9.65
C ASN B 459 -35.62 -26.48 8.29
N VAL B 460 -34.97 -25.61 7.50
CA VAL B 460 -34.50 -26.01 6.17
C VAL B 460 -33.55 -27.21 6.24
N VAL B 461 -32.62 -27.17 7.20
CA VAL B 461 -31.68 -28.28 7.42
C VAL B 461 -32.43 -29.54 7.88
N LYS B 462 -33.40 -29.35 8.76
CA LYS B 462 -34.22 -30.44 9.28
C LYS B 462 -34.86 -31.22 8.14
N ASN B 463 -35.46 -30.48 7.20
CA ASN B 463 -36.19 -31.01 6.04
C ASN B 463 -35.35 -31.27 4.80
N ASN B 464 -34.03 -31.10 4.91
CA ASN B 464 -33.13 -31.12 3.76
C ASN B 464 -33.69 -30.31 2.58
N GLY B 465 -34.24 -29.14 2.86
CA GLY B 465 -34.79 -28.31 1.79
C GLY B 465 -35.91 -27.37 2.19
N LEU B 466 -36.61 -26.87 1.19
CA LEU B 466 -37.58 -25.79 1.37
C LEU B 466 -38.98 -26.36 1.51
N GLU B 467 -39.70 -25.87 2.54
CA GLU B 467 -41.04 -26.36 2.97
C GLU B 467 -41.26 -27.87 2.83
#